data_7C3L
#
_entry.id   7C3L
#
_cell.length_a   117.090
_cell.length_b   170.480
_cell.length_c   120.440
_cell.angle_alpha   90.000
_cell.angle_beta   90.000
_cell.angle_gamma   90.000
#
_symmetry.space_group_name_H-M   'C 2 2 21'
#
loop_
_entity.id
_entity.type
_entity.pdbx_description
1 polymer 'L-lysine oxidase'
2 non-polymer 'FLAVIN-ADENINE DINUCLEOTIDE'
3 non-polymer TYROSINE
4 non-polymer 'SULFATE ION'
5 non-polymer GLYCEROL
6 water water
#
_entity_poly.entity_id   1
_entity_poly.type   'polypeptide(L)'
_entity_poly.pdbx_seq_one_letter_code
;AEEELPPRKVCIVGAGVSGLYIAMILDDLKIPNLTYDIFESSSRTGGRLYTHHFTDAKHDYYDIGAMRYPDIPSMKRTFN
LFKRTGMPLIKYYLDGENTPQLYNNHFFAKGVVDPYMVSVANGGTVPDDVVDSVGEKLQQAFGYYKEKLAEDFDKGFDEL
MLVDDMTTREYLKRGGPKGEAPKYDFFAIQWMETQNTGTNLFDQAFSESVIASFDFDNPTKPEWYCIEGGTSLLVDAMKE
TLVHKVQNNKRVEAISIDLDAPDDGNMSVKIGGKDYSGYSTVFNTTALGCLDRMDLRGLNLHPTQADAIRCLHYANSTKV
ALKFSYPWWIKDCGITCGGAASTDLPLRTCVYPSYNLGDTGEAVLLASYTWSQDATRIGSLVKDAPPQPPKEDELVELIL
QNLARLHAEHMTYEKIKEAYTGVYHAYCWANDPNVGGAFALFGPGQFSNLYPYLMRPAAGGKFHIVGEASSVHHAWIIGS
LESAYTAVYQFLYKYKMWDYLRLLLERWQYGLQELETGKHGTAHLQFILGSLPKEYQVKI
;
_entity_poly.pdbx_strand_id   A,B
#
loop_
_chem_comp.id
_chem_comp.type
_chem_comp.name
_chem_comp.formula
FAD non-polymer 'FLAVIN-ADENINE DINUCLEOTIDE' 'C27 H33 N9 O15 P2'
GOL non-polymer GLYCEROL 'C3 H8 O3'
SO4 non-polymer 'SULFATE ION' 'O4 S -2'
#
# COMPACT_ATOMS: atom_id res chain seq x y z
N GLU A 4 -21.92 29.53 -37.78
CA GLU A 4 -21.94 28.07 -37.72
C GLU A 4 -20.62 27.53 -37.18
N LEU A 5 -20.71 26.54 -36.28
CA LEU A 5 -19.52 26.00 -35.64
C LEU A 5 -18.76 25.06 -36.58
N PRO A 6 -17.42 25.19 -36.59
CA PRO A 6 -16.55 24.29 -37.37
C PRO A 6 -16.59 22.89 -36.78
N PRO A 7 -16.28 21.87 -37.58
CA PRO A 7 -16.28 20.52 -37.02
C PRO A 7 -15.19 20.38 -35.95
N ARG A 8 -15.54 19.80 -34.81
CA ARG A 8 -14.57 19.55 -33.74
C ARG A 8 -14.78 18.18 -33.13
N LYS A 9 -13.68 17.56 -32.71
CA LYS A 9 -13.71 16.25 -32.09
C LYS A 9 -12.96 16.35 -30.77
N VAL A 10 -13.50 15.74 -29.73
CA VAL A 10 -12.73 15.64 -28.49
C VAL A 10 -12.51 14.18 -28.12
N CYS A 11 -11.53 13.96 -27.27
CA CYS A 11 -11.16 12.62 -26.84
C CYS A 11 -11.42 12.46 -25.35
N ILE A 12 -12.16 11.40 -25.00
CA ILE A 12 -12.42 11.06 -23.60
C ILE A 12 -11.63 9.78 -23.28
N VAL A 13 -10.63 9.89 -22.42
CA VAL A 13 -9.85 8.72 -22.03
C VAL A 13 -10.47 8.07 -20.80
N GLY A 14 -11.01 6.87 -20.98
CA GLY A 14 -11.59 6.14 -19.86
C GLY A 14 -13.11 6.23 -19.87
N ALA A 15 -13.75 5.09 -19.62
CA ALA A 15 -15.21 5.06 -19.58
C ALA A 15 -15.71 4.58 -18.22
N GLY A 16 -15.22 5.22 -17.17
CA GLY A 16 -15.86 5.13 -15.87
C GLY A 16 -16.95 6.18 -15.82
N VAL A 17 -17.44 6.48 -14.63
CA VAL A 17 -18.59 7.36 -14.54
C VAL A 17 -18.24 8.79 -14.96
N SER A 18 -16.99 9.23 -14.78
CA SER A 18 -16.59 10.59 -15.21
C SER A 18 -16.66 10.72 -16.71
N GLY A 19 -16.05 9.76 -17.39
CA GLY A 19 -15.98 9.80 -18.83
C GLY A 19 -17.37 9.68 -19.43
N LEU A 20 -18.18 8.78 -18.87
CA LEU A 20 -19.57 8.60 -19.31
C LEU A 20 -20.42 9.86 -19.07
N TYR A 21 -20.13 10.55 -17.98
CA TYR A 21 -20.83 11.80 -17.65
C TYR A 21 -20.46 12.92 -18.62
N ILE A 22 -19.17 13.04 -18.96
CA ILE A 22 -18.79 14.01 -19.99
C ILE A 22 -19.57 13.75 -21.28
N ALA A 23 -19.58 12.51 -21.72
CA ALA A 23 -20.31 12.15 -22.92
C ALA A 23 -21.81 12.45 -22.76
N MET A 24 -22.36 12.17 -21.59
CA MET A 24 -23.78 12.45 -21.32
C MET A 24 -24.11 13.94 -21.48
N ILE A 25 -23.23 14.78 -20.98
CA ILE A 25 -23.45 16.23 -21.01
C ILE A 25 -23.36 16.71 -22.46
N LEU A 26 -22.32 16.28 -23.17
CA LEU A 26 -22.17 16.67 -24.58
C LEU A 26 -23.36 16.20 -25.41
N ASP A 27 -23.84 14.99 -25.14
CA ASP A 27 -24.98 14.44 -25.86
C ASP A 27 -26.22 15.28 -25.62
N ASP A 28 -26.36 15.78 -24.40
CA ASP A 28 -27.52 16.61 -24.05
C ASP A 28 -27.44 18.01 -24.66
N LEU A 29 -26.23 18.58 -24.74
CA LEU A 29 -26.08 19.93 -25.26
C LEU A 29 -26.28 20.00 -26.78
N LYS A 30 -25.98 18.90 -27.47
CA LYS A 30 -26.16 18.80 -28.93
C LYS A 30 -25.49 19.95 -29.68
N ILE A 31 -24.20 20.14 -29.41
CA ILE A 31 -23.41 21.14 -30.09
C ILE A 31 -23.15 20.74 -31.53
N PRO A 32 -23.59 21.58 -32.50
CA PRO A 32 -23.45 21.27 -33.93
C PRO A 32 -22.01 20.95 -34.33
N ASN A 33 -21.84 19.83 -35.05
CA ASN A 33 -20.57 19.41 -35.63
C ASN A 33 -19.53 19.00 -34.61
N LEU A 34 -19.96 18.75 -33.37
CA LEU A 34 -19.03 18.28 -32.34
C LEU A 34 -19.22 16.79 -32.10
N THR A 35 -18.13 16.04 -32.19
CA THR A 35 -18.15 14.62 -31.96
C THR A 35 -17.10 14.25 -30.90
N TYR A 36 -17.12 13.00 -30.45
CA TYR A 36 -16.10 12.52 -29.52
C TYR A 36 -15.78 11.05 -29.74
N ASP A 37 -14.58 10.67 -29.28
CA ASP A 37 -14.18 9.29 -29.14
C ASP A 37 -14.03 9.01 -27.65
N ILE A 38 -14.59 7.91 -27.16
CA ILE A 38 -14.33 7.44 -25.80
C ILE A 38 -13.53 6.16 -25.86
N PHE A 39 -12.30 6.18 -25.34
CA PHE A 39 -11.45 5.01 -25.34
C PHE A 39 -11.35 4.41 -23.93
N GLU A 40 -11.61 3.12 -23.80
CA GLU A 40 -11.55 2.46 -22.51
C GLU A 40 -10.56 1.30 -22.60
N SER A 41 -9.62 1.24 -21.66
CA SER A 41 -8.57 0.22 -21.71
C SER A 41 -9.10 -1.18 -21.44
N SER A 42 -10.05 -1.28 -20.53
CA SER A 42 -10.60 -2.57 -20.11
C SER A 42 -11.59 -3.12 -21.14
N SER A 43 -11.82 -4.43 -21.11
CA SER A 43 -12.90 -5.00 -21.91
C SER A 43 -14.23 -4.58 -21.32
N ARG A 44 -14.19 -4.16 -20.06
CA ARG A 44 -15.37 -3.76 -19.30
C ARG A 44 -15.55 -2.25 -19.23
N THR A 45 -16.79 -1.79 -19.26
CA THR A 45 -17.09 -0.36 -19.10
C THR A 45 -17.59 -0.12 -17.68
N GLY A 46 -17.24 1.02 -17.10
CA GLY A 46 -17.81 1.38 -15.80
C GLY A 46 -16.77 1.71 -14.73
N GLY A 47 -15.56 1.18 -14.87
CA GLY A 47 -14.49 1.49 -13.93
C GLY A 47 -14.84 1.04 -12.52
N ARG A 48 -14.79 1.98 -11.57
CA ARG A 48 -15.03 1.67 -10.17
C ARG A 48 -16.53 1.66 -9.83
N LEU A 49 -17.36 1.67 -10.87
CA LEU A 49 -18.75 1.23 -10.74
C LEU A 49 -18.76 -0.19 -11.31
N TYR A 50 -18.95 -1.17 -10.44
CA TYR A 50 -18.67 -2.56 -10.80
C TYR A 50 -19.47 -3.52 -9.92
N THR A 51 -20.60 -3.98 -10.45
CA THR A 51 -21.40 -4.97 -9.74
C THR A 51 -20.98 -6.36 -10.19
N HIS A 52 -20.69 -7.25 -9.24
CA HIS A 52 -20.45 -8.64 -9.54
C HIS A 52 -21.72 -9.47 -9.35
N HIS A 53 -22.16 -10.13 -10.41
CA HIS A 53 -23.33 -11.02 -10.35
C HIS A 53 -22.90 -12.48 -10.31
N PHE A 54 -23.20 -13.17 -9.21
CA PHE A 54 -22.89 -14.59 -9.10
C PHE A 54 -23.72 -15.41 -10.07
N THR A 55 -25.01 -15.08 -10.15
CA THR A 55 -25.93 -15.64 -11.13
C THR A 55 -26.86 -14.51 -11.56
N ASP A 56 -27.82 -14.79 -12.43
CA ASP A 56 -28.75 -13.75 -12.86
C ASP A 56 -29.95 -13.64 -11.92
N ALA A 57 -29.93 -14.40 -10.83
CA ALA A 57 -31.00 -14.31 -9.83
C ALA A 57 -31.04 -12.89 -9.21
N LYS A 58 -32.24 -12.48 -8.80
CA LYS A 58 -32.59 -11.09 -8.44
C LYS A 58 -31.60 -10.31 -7.55
N HIS A 59 -31.18 -10.93 -6.46
CA HIS A 59 -30.32 -10.28 -5.47
C HIS A 59 -28.97 -10.99 -5.34
N ASP A 60 -28.61 -11.74 -6.36
CA ASP A 60 -27.42 -12.57 -6.26
C ASP A 60 -26.20 -11.81 -6.73
N TYR A 61 -25.90 -10.71 -6.05
CA TYR A 61 -24.79 -9.86 -6.46
C TYR A 61 -24.16 -9.15 -5.27
N TYR A 62 -23.00 -8.53 -5.51
CA TYR A 62 -22.53 -7.50 -4.60
C TYR A 62 -21.81 -6.43 -5.40
N ASP A 63 -21.67 -5.24 -4.80
CA ASP A 63 -20.99 -4.17 -5.50
C ASP A 63 -19.53 -4.11 -5.07
N ILE A 64 -18.65 -4.28 -6.05
CA ILE A 64 -17.20 -4.29 -5.83
C ILE A 64 -16.71 -2.87 -5.65
N GLY A 65 -17.28 -1.94 -6.41
CA GLY A 65 -16.98 -0.53 -6.24
C GLY A 65 -18.06 0.20 -5.44
N ALA A 66 -18.54 1.31 -5.98
CA ALA A 66 -19.53 2.14 -5.29
C ALA A 66 -20.78 1.35 -4.96
N MET A 67 -21.34 1.56 -3.77
CA MET A 67 -22.53 0.80 -3.38
C MET A 67 -23.56 1.57 -2.56
N ARG A 68 -23.17 2.71 -1.96
CA ARG A 68 -24.06 3.43 -1.04
C ARG A 68 -23.94 4.94 -1.14
N TYR A 69 -25.06 5.64 -0.96
CA TYR A 69 -25.14 7.07 -1.29
C TYR A 69 -25.93 7.85 -0.23
N PRO A 70 -25.25 8.77 0.48
CA PRO A 70 -25.95 9.56 1.49
C PRO A 70 -26.69 10.75 0.85
N ASP A 71 -27.97 10.91 1.17
CA ASP A 71 -28.73 12.02 0.61
C ASP A 71 -28.41 13.30 1.37
N ILE A 72 -27.26 13.88 1.05
CA ILE A 72 -26.83 15.15 1.62
C ILE A 72 -26.68 16.19 0.51
N PRO A 73 -26.80 17.48 0.87
CA PRO A 73 -26.78 18.53 -0.16
C PRO A 73 -25.57 18.50 -1.10
N SER A 74 -24.39 18.18 -0.58
CA SER A 74 -23.20 18.22 -1.42
C SER A 74 -23.23 17.13 -2.49
N MET A 75 -24.12 16.15 -2.34
CA MET A 75 -24.20 15.06 -3.32
C MET A 75 -25.43 15.14 -4.21
N LYS A 76 -26.05 16.32 -4.29
CA LYS A 76 -27.23 16.48 -5.12
C LYS A 76 -26.98 16.08 -6.58
N ARG A 77 -25.81 16.40 -7.11
CA ARG A 77 -25.52 16.03 -8.50
C ARG A 77 -25.57 14.52 -8.72
N THR A 78 -25.16 13.75 -7.71
CA THR A 78 -25.23 12.31 -7.80
C THR A 78 -26.68 11.84 -7.86
N PHE A 79 -27.51 12.33 -6.95
CA PHE A 79 -28.91 11.91 -6.97
C PHE A 79 -29.63 12.42 -8.22
N ASN A 80 -29.20 13.53 -8.78
CA ASN A 80 -29.77 14.00 -10.04
CA ASN A 80 -29.75 14.01 -10.05
C ASN A 80 -29.45 13.04 -11.18
N LEU A 81 -28.23 12.50 -11.18
CA LEU A 81 -27.85 11.52 -12.19
C LEU A 81 -28.73 10.28 -12.03
N PHE A 82 -28.93 9.85 -10.79
CA PHE A 82 -29.79 8.71 -10.49
C PHE A 82 -31.18 8.96 -11.06
N LYS A 83 -31.69 10.16 -10.86
CA LYS A 83 -33.04 10.50 -11.34
C LYS A 83 -33.11 10.53 -12.85
N ARG A 84 -32.11 11.15 -13.47
CA ARG A 84 -32.05 11.25 -14.93
C ARG A 84 -32.03 9.88 -15.60
N THR A 85 -31.43 8.90 -14.94
CA THR A 85 -31.26 7.58 -15.55
C THR A 85 -32.26 6.54 -15.05
N GLY A 86 -33.20 6.97 -14.20
CA GLY A 86 -34.26 6.11 -13.75
C GLY A 86 -33.83 4.99 -12.81
N MET A 87 -32.77 5.25 -12.04
CA MET A 87 -32.24 4.24 -11.13
C MET A 87 -33.27 3.85 -10.08
N PRO A 88 -33.47 2.53 -9.88
CA PRO A 88 -34.33 2.03 -8.80
C PRO A 88 -33.65 2.13 -7.43
N LEU A 89 -33.92 3.21 -6.71
CA LEU A 89 -33.27 3.41 -5.42
C LEU A 89 -34.06 2.76 -4.29
N ILE A 90 -33.34 2.13 -3.38
CA ILE A 90 -33.94 1.63 -2.15
C ILE A 90 -33.13 2.08 -0.95
N LYS A 91 -33.71 1.99 0.24
CA LYS A 91 -33.02 2.40 1.44
C LYS A 91 -31.77 1.55 1.70
N TYR A 92 -30.70 2.21 2.12
CA TYR A 92 -29.48 1.53 2.54
C TYR A 92 -29.37 1.79 4.02
N TYR A 93 -29.19 0.74 4.80
CA TYR A 93 -29.06 0.87 6.24
C TYR A 93 -27.60 0.89 6.64
N LEU A 94 -27.07 2.08 6.88
CA LEU A 94 -25.70 2.27 7.35
C LEU A 94 -25.56 1.65 8.74
N ASP A 95 -26.58 1.88 9.57
CA ASP A 95 -26.65 1.29 10.89
C ASP A 95 -27.86 0.37 10.93
N GLY A 96 -27.68 -0.81 11.53
CA GLY A 96 -28.78 -1.76 11.62
C GLY A 96 -28.91 -2.29 13.03
N GLU A 97 -29.93 -3.10 13.27
CA GLU A 97 -30.16 -3.66 14.59
C GLU A 97 -29.26 -4.86 14.84
N ASN A 98 -28.77 -4.98 16.07
CA ASN A 98 -28.08 -6.18 16.56
C ASN A 98 -26.78 -6.51 15.85
N THR A 99 -26.12 -5.50 15.29
CA THR A 99 -24.82 -5.74 14.66
C THR A 99 -23.73 -5.77 15.72
N PRO A 100 -22.97 -6.86 15.76
CA PRO A 100 -21.93 -7.04 16.77
C PRO A 100 -20.71 -6.17 16.49
N GLN A 101 -20.02 -5.79 17.55
CA GLN A 101 -18.74 -5.10 17.45
CA GLN A 101 -18.74 -5.10 17.47
C GLN A 101 -17.76 -5.85 18.34
N LEU A 102 -16.64 -6.29 17.77
CA LEU A 102 -15.72 -7.15 18.51
C LEU A 102 -14.29 -6.61 18.53
N TYR A 103 -13.81 -6.19 19.69
CA TYR A 103 -12.42 -5.74 19.82
C TYR A 103 -11.79 -6.42 21.02
N ASN A 104 -10.53 -6.84 20.86
CA ASN A 104 -9.82 -7.52 21.94
C ASN A 104 -10.63 -8.70 22.45
N ASN A 105 -11.30 -9.38 21.51
CA ASN A 105 -12.12 -10.56 21.78
C ASN A 105 -13.29 -10.34 22.74
N HIS A 106 -13.69 -9.08 22.89
CA HIS A 106 -14.86 -8.73 23.69
C HIS A 106 -15.92 -8.06 22.82
N PHE A 107 -17.18 -8.31 23.13
CA PHE A 107 -18.27 -7.62 22.43
C PHE A 107 -18.62 -6.30 23.10
N PHE A 108 -19.01 -5.33 22.28
CA PHE A 108 -19.41 -4.04 22.81
C PHE A 108 -20.68 -4.17 23.63
N ALA A 109 -20.73 -3.41 24.72
CA ALA A 109 -21.92 -3.33 25.56
C ALA A 109 -22.18 -1.87 25.90
N LYS A 110 -23.41 -1.43 25.63
CA LYS A 110 -23.88 -0.09 25.95
C LYS A 110 -23.88 0.15 27.47
N GLY A 111 -23.45 1.34 27.90
CA GLY A 111 -23.49 1.70 29.31
C GLY A 111 -22.47 1.04 30.22
N VAL A 112 -21.47 0.40 29.63
CA VAL A 112 -20.42 -0.28 30.37
C VAL A 112 -19.09 0.41 30.13
N VAL A 113 -18.31 0.60 31.19
CA VAL A 113 -17.01 1.26 31.08
C VAL A 113 -15.99 0.30 30.48
N ASP A 114 -15.35 0.71 29.39
CA ASP A 114 -14.29 -0.10 28.76
C ASP A 114 -14.69 -1.57 28.52
N PRO A 115 -15.77 -1.80 27.73
CA PRO A 115 -16.23 -3.17 27.47
C PRO A 115 -15.16 -4.05 26.80
N TYR A 116 -14.28 -3.45 26.03
CA TYR A 116 -13.26 -4.22 25.32
C TYR A 116 -12.03 -4.52 26.17
N MET A 117 -11.97 -3.97 27.38
CA MET A 117 -10.86 -4.21 28.30
C MET A 117 -9.50 -3.80 27.72
N VAL A 118 -9.45 -2.63 27.10
CA VAL A 118 -8.20 -2.14 26.51
C VAL A 118 -7.65 -0.89 27.20
N SER A 119 -8.35 -0.40 28.22
CA SER A 119 -7.87 0.78 28.93
C SER A 119 -6.81 0.43 29.97
N VAL A 120 -6.06 1.44 30.39
CA VAL A 120 -5.05 1.30 31.42
C VAL A 120 -5.63 0.64 32.68
N ALA A 121 -6.86 1.03 33.03
CA ALA A 121 -7.49 0.49 34.24
C ALA A 121 -7.67 -1.02 34.15
N ASN A 122 -7.77 -1.55 32.93
CA ASN A 122 -7.99 -2.99 32.75
C ASN A 122 -6.80 -3.73 32.13
N GLY A 123 -5.63 -3.10 32.19
CA GLY A 123 -4.40 -3.75 31.75
C GLY A 123 -3.98 -3.45 30.32
N GLY A 124 -4.70 -2.57 29.63
CA GLY A 124 -4.31 -2.15 28.29
C GLY A 124 -3.55 -0.84 28.37
N THR A 125 -3.41 -0.13 27.25
CA THR A 125 -2.72 1.16 27.27
C THR A 125 -3.55 2.31 26.70
N VAL A 126 -4.83 2.07 26.39
CA VAL A 126 -5.70 3.16 25.98
C VAL A 126 -6.03 3.98 27.23
N PRO A 127 -5.77 5.29 27.20
CA PRO A 127 -6.10 6.14 28.36
C PRO A 127 -7.55 5.98 28.78
N ASP A 128 -7.78 5.93 30.09
CA ASP A 128 -9.13 5.72 30.61
C ASP A 128 -10.10 6.79 30.12
N ASP A 129 -9.61 8.01 29.99
CA ASP A 129 -10.49 9.11 29.60
C ASP A 129 -10.72 9.19 28.09
N VAL A 130 -10.17 8.25 27.33
CA VAL A 130 -10.35 8.21 25.87
C VAL A 130 -11.13 6.99 25.42
N VAL A 131 -10.95 5.87 26.12
CA VAL A 131 -11.44 4.58 25.62
C VAL A 131 -12.95 4.55 25.29
N ASP A 132 -13.76 5.26 26.08
CA ASP A 132 -15.21 5.25 25.91
C ASP A 132 -15.71 6.47 25.15
N SER A 133 -14.81 7.38 24.80
CA SER A 133 -15.22 8.69 24.31
C SER A 133 -14.60 9.10 22.96
N VAL A 134 -14.28 8.12 22.12
CA VAL A 134 -13.71 8.38 20.80
C VAL A 134 -14.63 9.27 19.97
N GLY A 135 -15.92 8.94 20.00
CA GLY A 135 -16.90 9.70 19.26
C GLY A 135 -16.88 11.17 19.65
N GLU A 136 -16.99 11.43 20.95
CA GLU A 136 -17.00 12.80 21.45
C GLU A 136 -15.69 13.54 21.13
N LYS A 137 -14.56 12.86 21.29
CA LYS A 137 -13.28 13.51 21.09
C LYS A 137 -13.01 13.77 19.61
N LEU A 138 -13.47 12.90 18.73
CA LEU A 138 -13.27 13.15 17.29
C LEU A 138 -14.26 14.21 16.83
N GLN A 139 -15.43 14.30 17.44
CA GLN A 139 -16.37 15.35 17.07
C GLN A 139 -15.80 16.70 17.49
N GLN A 140 -15.05 16.74 18.59
CA GLN A 140 -14.37 17.95 19.00
C GLN A 140 -13.24 18.31 18.03
N ALA A 141 -12.54 17.31 17.53
CA ALA A 141 -11.47 17.56 16.57
C ALA A 141 -12.01 18.00 15.20
N PHE A 142 -13.08 17.37 14.73
CA PHE A 142 -13.56 17.56 13.36
C PHE A 142 -14.74 18.53 13.24
N GLY A 143 -15.46 18.72 14.34
CA GLY A 143 -16.78 19.31 14.31
C GLY A 143 -16.86 20.71 13.74
N TYR A 144 -15.93 21.58 14.14
CA TYR A 144 -15.92 22.95 13.62
C TYR A 144 -15.91 22.94 12.10
N TYR A 145 -15.00 22.16 11.54
CA TYR A 145 -14.85 22.09 10.10
C TYR A 145 -16.05 21.42 9.46
N LYS A 146 -16.59 20.39 10.11
CA LYS A 146 -17.78 19.72 9.58
C LYS A 146 -18.95 20.71 9.47
N GLU A 147 -19.08 21.57 10.47
CA GLU A 147 -20.16 22.56 10.45
C GLU A 147 -19.97 23.57 9.31
N LYS A 148 -18.72 23.98 9.08
CA LYS A 148 -18.45 24.93 7.99
C LYS A 148 -18.71 24.27 6.64
N LEU A 149 -18.33 23.01 6.50
CA LEU A 149 -18.60 22.28 5.27
C LEU A 149 -20.09 22.15 5.00
N ALA A 150 -20.87 22.03 6.07
CA ALA A 150 -22.33 21.87 5.92
C ALA A 150 -22.97 23.19 5.53
N GLU A 151 -22.43 24.27 6.06
CA GLU A 151 -22.85 25.62 5.69
C GLU A 151 -22.58 25.88 4.21
N ASP A 152 -21.38 25.53 3.76
CA ASP A 152 -20.99 25.68 2.36
C ASP A 152 -19.71 24.90 2.11
N PHE A 153 -19.76 23.85 1.30
CA PHE A 153 -18.63 22.94 1.19
C PHE A 153 -17.38 23.66 0.70
N ASP A 154 -17.51 24.44 -0.37
CA ASP A 154 -16.36 25.15 -0.92
C ASP A 154 -15.69 26.09 0.08
N LYS A 155 -16.48 26.91 0.77
CA LYS A 155 -15.92 27.82 1.77
C LYS A 155 -15.34 27.05 2.94
N GLY A 156 -16.01 25.97 3.34
CA GLY A 156 -15.54 25.15 4.44
C GLY A 156 -14.24 24.49 4.06
N PHE A 157 -14.15 24.02 2.81
CA PHE A 157 -12.91 23.41 2.32
C PHE A 157 -11.74 24.40 2.35
N ASP A 158 -11.99 25.63 1.90
CA ASP A 158 -10.93 26.64 1.88
C ASP A 158 -10.44 26.97 3.30
N GLU A 159 -11.36 26.97 4.25
CA GLU A 159 -10.98 27.17 5.65
C GLU A 159 -10.18 25.96 6.17
N LEU A 160 -10.64 24.77 5.82
CA LEU A 160 -9.94 23.54 6.23
C LEU A 160 -8.51 23.48 5.67
N MET A 161 -8.28 24.05 4.50
CA MET A 161 -6.94 24.04 3.91
C MET A 161 -5.89 24.77 4.75
N LEU A 162 -6.34 25.65 5.64
CA LEU A 162 -5.41 26.36 6.50
C LEU A 162 -4.78 25.48 7.59
N VAL A 163 -5.23 24.23 7.72
CA VAL A 163 -4.55 23.25 8.60
C VAL A 163 -4.19 21.97 7.84
N ASP A 164 -4.15 22.04 6.52
CA ASP A 164 -3.93 20.86 5.69
C ASP A 164 -2.50 20.33 5.78
N ASP A 165 -1.57 21.12 6.32
CA ASP A 165 -0.22 20.63 6.50
C ASP A 165 -0.13 19.48 7.51
N MET A 166 -1.15 19.32 8.36
CA MET A 166 -1.08 18.30 9.40
C MET A 166 -1.74 16.98 9.02
N THR A 167 -1.17 15.88 9.49
CA THR A 167 -1.90 14.61 9.50
C THR A 167 -2.92 14.61 10.64
N THR A 168 -3.86 13.66 10.60
CA THR A 168 -4.80 13.53 11.69
C THR A 168 -4.08 13.28 13.02
N ARG A 169 -3.07 12.40 13.00
CA ARG A 169 -2.30 12.11 14.20
C ARG A 169 -1.59 13.37 14.70
N GLU A 170 -1.02 14.12 13.77
CA GLU A 170 -0.30 15.33 14.12
C GLU A 170 -1.24 16.35 14.78
N TYR A 171 -2.45 16.50 14.24
CA TYR A 171 -3.45 17.41 14.80
C TYR A 171 -3.83 17.03 16.22
N LEU A 172 -4.07 15.73 16.41
CA LEU A 172 -4.46 15.23 17.72
C LEU A 172 -3.31 15.29 18.73
N LYS A 173 -2.09 15.06 18.24
CA LYS A 173 -0.90 15.09 19.08
C LYS A 173 -0.58 16.49 19.59
N ARG A 174 -0.67 17.48 18.69
CA ARG A 174 -0.22 18.81 19.02
CA ARG A 174 -0.22 18.83 19.00
C ARG A 174 -1.33 19.71 19.55
N GLY A 175 -2.57 19.23 19.50
CA GLY A 175 -3.69 20.04 19.93
C GLY A 175 -4.06 21.10 18.90
N GLY A 176 -4.12 20.69 17.64
CA GLY A 176 -4.43 21.62 16.57
C GLY A 176 -3.27 22.54 16.25
N PRO A 177 -3.51 23.55 15.39
CA PRO A 177 -2.49 24.42 14.81
C PRO A 177 -1.77 25.30 15.83
N LYS A 178 -2.40 25.58 16.97
CA LYS A 178 -1.83 26.49 17.96
C LYS A 178 -1.62 25.81 19.30
N GLY A 179 -1.94 24.52 19.38
CA GLY A 179 -1.83 23.79 20.62
C GLY A 179 -2.94 24.11 21.62
N GLU A 180 -4.01 24.74 21.15
CA GLU A 180 -5.08 25.16 22.04
C GLU A 180 -6.21 24.13 22.14
N ALA A 181 -6.14 23.10 21.32
CA ALA A 181 -7.05 21.97 21.41
C ALA A 181 -6.44 20.89 22.30
N PRO A 182 -7.24 19.88 22.71
CA PRO A 182 -6.66 18.84 23.55
C PRO A 182 -5.49 18.11 22.86
N LYS A 183 -4.50 17.71 23.65
CA LYS A 183 -3.37 16.96 23.12
C LYS A 183 -3.50 15.50 23.55
N TYR A 184 -3.31 14.58 22.60
CA TYR A 184 -3.50 13.16 22.89
C TYR A 184 -2.19 12.37 22.73
N ASP A 185 -1.98 11.38 23.60
CA ASP A 185 -0.77 10.56 23.51
C ASP A 185 -0.93 9.52 22.40
N PHE A 186 0.15 8.80 22.10
CA PHE A 186 0.15 7.87 20.98
C PHE A 186 -1.00 6.85 21.06
N PHE A 187 -1.19 6.27 22.23
CA PHE A 187 -2.15 5.18 22.37
C PHE A 187 -3.59 5.67 22.28
N ALA A 188 -3.83 6.88 22.77
CA ALA A 188 -5.14 7.51 22.57
C ALA A 188 -5.44 7.66 21.07
N ILE A 189 -4.47 8.20 20.33
CA ILE A 189 -4.67 8.43 18.92
C ILE A 189 -4.83 7.10 18.18
N GLN A 190 -4.05 6.09 18.58
CA GLN A 190 -4.14 4.77 17.98
C GLN A 190 -5.54 4.18 18.13
N TRP A 191 -6.12 4.32 19.31
CA TRP A 191 -7.46 3.78 19.56
C TRP A 191 -8.50 4.55 18.76
N MET A 192 -8.32 5.86 18.66
CA MET A 192 -9.25 6.65 17.84
C MET A 192 -9.22 6.17 16.38
N GLU A 193 -8.01 5.91 15.87
CA GLU A 193 -7.88 5.42 14.51
C GLU A 193 -8.57 4.07 14.37
N THR A 194 -8.29 3.18 15.31
CA THR A 194 -8.87 1.84 15.30
C THR A 194 -10.40 1.88 15.25
N GLN A 195 -10.98 2.82 15.99
CA GLN A 195 -12.43 2.93 16.08
C GLN A 195 -13.05 3.81 15.00
N ASN A 196 -12.22 4.47 14.20
CA ASN A 196 -12.75 5.44 13.23
C ASN A 196 -12.46 5.10 11.76
N THR A 197 -11.36 4.41 11.49
CA THR A 197 -10.96 4.25 10.10
C THR A 197 -10.07 3.02 9.93
N GLY A 198 -9.42 2.91 8.78
CA GLY A 198 -8.56 1.77 8.48
C GLY A 198 -7.19 1.96 9.09
N THR A 199 -6.49 0.84 9.29
CA THR A 199 -5.17 0.86 9.92
C THR A 199 -4.21 1.82 9.22
N ASN A 200 -3.56 2.67 10.01
CA ASN A 200 -2.55 3.66 9.59
C ASN A 200 -3.11 4.95 8.97
N LEU A 201 -4.43 5.06 8.75
CA LEU A 201 -4.89 6.20 7.96
C LEU A 201 -4.87 7.53 8.71
N PHE A 202 -4.69 7.53 10.03
CA PHE A 202 -4.50 8.81 10.72
C PHE A 202 -3.12 9.41 10.40
N ASP A 203 -2.28 8.66 9.69
CA ASP A 203 -1.01 9.23 9.24
C ASP A 203 -1.14 9.87 7.86
N GLN A 204 -2.36 9.92 7.33
CA GLN A 204 -2.61 10.72 6.12
C GLN A 204 -3.26 12.04 6.52
N ALA A 205 -3.81 12.79 5.55
CA ALA A 205 -4.24 14.17 5.82
C ALA A 205 -5.36 14.29 6.84
N PHE A 206 -5.20 15.23 7.78
CA PHE A 206 -6.27 15.62 8.69
C PHE A 206 -7.50 16.03 7.89
N SER A 207 -7.29 16.75 6.78
CA SER A 207 -8.39 17.23 5.97
C SER A 207 -9.20 16.05 5.40
N GLU A 208 -8.51 14.95 5.06
CA GLU A 208 -9.23 13.78 4.55
C GLU A 208 -10.06 13.12 5.65
N SER A 209 -9.53 13.08 6.88
CA SER A 209 -10.30 12.52 7.99
C SER A 209 -11.54 13.37 8.27
N VAL A 210 -11.39 14.69 8.18
CA VAL A 210 -12.53 15.60 8.40
C VAL A 210 -13.62 15.35 7.35
N ILE A 211 -13.22 15.32 6.08
CA ILE A 211 -14.18 15.15 4.98
C ILE A 211 -14.84 13.77 5.06
N ALA A 212 -14.05 12.76 5.43
CA ALA A 212 -14.58 11.42 5.68
C ALA A 212 -15.70 11.44 6.70
N SER A 213 -15.44 12.11 7.81
CA SER A 213 -16.40 12.21 8.88
C SER A 213 -17.62 13.01 8.45
N PHE A 214 -17.39 14.02 7.61
CA PHE A 214 -18.49 14.81 7.07
C PHE A 214 -19.41 13.96 6.22
N ASP A 215 -18.85 13.01 5.50
CA ASP A 215 -19.66 12.20 4.59
C ASP A 215 -20.35 11.02 5.29
N PHE A 216 -19.68 10.41 6.22
CA PHE A 216 -20.24 9.28 6.91
C PHE A 216 -21.00 9.60 8.18
N ASP A 217 -20.76 10.76 8.78
CA ASP A 217 -21.38 11.18 10.01
C ASP A 217 -21.81 12.62 9.86
N ASN A 218 -22.54 12.86 8.77
CA ASN A 218 -22.99 14.21 8.41
C ASN A 218 -23.93 14.74 9.48
N PRO A 219 -23.77 16.03 9.82
CA PRO A 219 -24.60 16.72 10.81
C PRO A 219 -26.10 16.63 10.52
N THR A 220 -26.47 16.49 9.26
CA THR A 220 -27.88 16.40 8.88
C THR A 220 -28.54 15.05 9.18
N LYS A 221 -27.73 14.07 9.62
CA LYS A 221 -28.19 12.70 9.85
C LYS A 221 -29.07 12.17 8.70
N PRO A 222 -28.46 11.97 7.52
CA PRO A 222 -29.20 11.71 6.28
C PRO A 222 -29.72 10.29 6.13
N GLU A 223 -30.67 10.16 5.22
CA GLU A 223 -31.06 8.87 4.66
C GLU A 223 -29.99 8.41 3.66
N TRP A 224 -29.73 7.10 3.65
CA TRP A 224 -28.81 6.50 2.68
C TRP A 224 -29.56 5.65 1.68
N TYR A 225 -29.04 5.55 0.46
CA TYR A 225 -29.68 4.76 -0.56
C TYR A 225 -28.70 3.83 -1.25
N CYS A 226 -29.23 2.78 -1.87
CA CYS A 226 -28.43 1.99 -2.79
C CYS A 226 -29.28 1.68 -4.00
N ILE A 227 -28.66 1.15 -5.04
CA ILE A 227 -29.36 0.87 -6.28
C ILE A 227 -29.77 -0.60 -6.30
N GLU A 228 -31.07 -0.86 -6.28
CA GLU A 228 -31.55 -2.24 -6.30
C GLU A 228 -31.20 -2.91 -7.62
N GLY A 229 -30.35 -3.93 -7.57
CA GLY A 229 -29.91 -4.60 -8.78
C GLY A 229 -28.45 -4.31 -9.09
N GLY A 230 -27.82 -3.50 -8.24
CA GLY A 230 -26.40 -3.19 -8.37
C GLY A 230 -26.14 -1.88 -9.08
N THR A 231 -25.08 -1.18 -8.64
CA THR A 231 -24.67 0.09 -9.22
C THR A 231 -24.38 0.01 -10.72
N SER A 232 -23.98 -1.17 -11.22
CA SER A 232 -23.70 -1.31 -12.64
C SER A 232 -24.94 -1.03 -13.51
N LEU A 233 -26.13 -1.05 -12.91
CA LEU A 233 -27.33 -0.60 -13.64
C LEU A 233 -27.19 0.85 -14.13
N LEU A 234 -26.44 1.66 -13.38
CA LEU A 234 -26.19 3.03 -13.78
C LEU A 234 -25.30 3.10 -15.00
N VAL A 235 -24.24 2.27 -15.01
CA VAL A 235 -23.34 2.20 -16.15
C VAL A 235 -24.11 1.78 -17.39
N ASP A 236 -24.97 0.79 -17.22
CA ASP A 236 -25.81 0.33 -18.33
C ASP A 236 -26.63 1.47 -18.92
N ALA A 237 -27.27 2.23 -18.04
CA ALA A 237 -28.15 3.32 -18.43
C ALA A 237 -27.38 4.43 -19.16
N MET A 238 -26.23 4.78 -18.62
CA MET A 238 -25.39 5.81 -19.24
C MET A 238 -24.85 5.37 -20.59
N LYS A 239 -24.43 4.11 -20.69
CA LYS A 239 -23.94 3.53 -21.93
C LYS A 239 -24.97 3.59 -23.05
N GLU A 240 -26.22 3.33 -22.69
CA GLU A 240 -27.28 3.19 -23.68
C GLU A 240 -27.59 4.50 -24.39
N THR A 241 -27.45 5.62 -23.69
CA THR A 241 -27.77 6.93 -24.27
C THR A 241 -26.65 7.48 -25.17
N LEU A 242 -25.46 6.88 -25.11
CA LEU A 242 -24.29 7.42 -25.83
C LEU A 242 -24.48 7.57 -27.33
N VAL A 243 -24.22 8.77 -27.85
CA VAL A 243 -24.27 8.99 -29.29
C VAL A 243 -23.08 8.31 -29.97
N HIS A 244 -21.94 8.31 -29.29
CA HIS A 244 -20.79 7.54 -29.75
C HIS A 244 -20.46 6.50 -28.71
N LYS A 245 -20.48 5.23 -29.10
CA LYS A 245 -20.31 4.17 -28.13
C LYS A 245 -18.86 4.03 -27.65
N VAL A 246 -18.71 3.49 -26.45
CA VAL A 246 -17.40 3.21 -25.87
C VAL A 246 -16.61 2.26 -26.77
N GLN A 247 -15.35 2.61 -27.01
CA GLN A 247 -14.40 1.70 -27.65
C GLN A 247 -13.53 1.01 -26.60
N ASN A 248 -13.89 -0.22 -26.25
CA ASN A 248 -13.18 -1.00 -25.23
C ASN A 248 -11.89 -1.57 -25.78
N ASN A 249 -11.06 -2.10 -24.88
CA ASN A 249 -9.74 -2.63 -25.23
C ASN A 249 -8.89 -1.64 -26.02
N LYS A 250 -8.96 -0.38 -25.60
CA LYS A 250 -8.18 0.69 -26.18
C LYS A 250 -7.45 1.45 -25.09
N ARG A 251 -6.23 1.04 -24.80
CA ARG A 251 -5.45 1.67 -23.74
C ARG A 251 -4.56 2.78 -24.29
N VAL A 252 -4.89 4.02 -23.91
CA VAL A 252 -4.10 5.17 -24.30
C VAL A 252 -2.74 5.10 -23.61
N GLU A 253 -1.66 5.27 -24.38
CA GLU A 253 -0.32 5.18 -23.79
C GLU A 253 0.47 6.48 -23.93
N ALA A 254 -0.10 7.44 -24.65
CA ALA A 254 0.52 8.74 -24.80
C ALA A 254 -0.52 9.78 -25.21
N ILE A 255 -0.30 11.02 -24.80
CA ILE A 255 -1.16 12.14 -25.17
C ILE A 255 -0.25 13.31 -25.53
N SER A 256 -0.62 14.03 -26.61
CA SER A 256 0.24 15.08 -27.15
C SER A 256 -0.57 16.23 -27.76
N ILE A 257 0.08 17.38 -27.83
CA ILE A 257 -0.42 18.52 -28.60
C ILE A 257 0.69 19.04 -29.52
N ASP A 258 0.31 19.37 -30.75
CA ASP A 258 1.26 19.91 -31.71
C ASP A 258 1.09 21.42 -31.73
N LEU A 259 1.97 22.11 -31.00
CA LEU A 259 1.83 23.54 -30.80
C LEU A 259 2.14 24.34 -32.07
N ASP A 260 2.79 23.68 -33.04
CA ASP A 260 3.15 24.35 -34.28
C ASP A 260 2.00 24.31 -35.30
N ALA A 261 0.95 23.55 -34.98
CA ALA A 261 -0.20 23.45 -35.86
C ALA A 261 -1.26 24.50 -35.50
N PRO A 262 -1.79 25.20 -36.52
CA PRO A 262 -2.73 26.31 -36.34
C PRO A 262 -4.15 25.86 -35.99
N ASP A 263 -4.45 24.61 -36.26
CA ASP A 263 -5.82 24.08 -36.14
C ASP A 263 -6.30 23.96 -34.69
N ASP A 264 -7.63 23.92 -34.50
CA ASP A 264 -8.20 23.62 -33.19
C ASP A 264 -7.85 22.18 -32.79
N GLY A 265 -7.92 21.27 -33.77
CA GLY A 265 -7.75 19.85 -33.53
C GLY A 265 -6.32 19.38 -33.61
N ASN A 266 -5.45 19.97 -32.80
CA ASN A 266 -4.03 19.67 -32.88
C ASN A 266 -3.57 18.74 -31.76
N MET A 267 -4.49 17.98 -31.19
CA MET A 267 -4.11 17.00 -30.17
C MET A 267 -4.26 15.57 -30.67
N SER A 268 -3.50 14.67 -30.07
CA SER A 268 -3.55 13.28 -30.45
C SER A 268 -3.29 12.36 -29.29
N VAL A 269 -3.71 11.11 -29.42
CA VAL A 269 -3.30 10.11 -28.45
C VAL A 269 -2.72 8.91 -29.18
N LYS A 270 -1.98 8.09 -28.45
CA LYS A 270 -1.38 6.89 -29.01
C LYS A 270 -1.99 5.67 -28.32
N ILE A 271 -2.44 4.70 -29.11
CA ILE A 271 -3.00 3.46 -28.59
C ILE A 271 -2.39 2.29 -29.31
N GLY A 272 -1.68 1.44 -28.57
CA GLY A 272 -1.01 0.30 -29.17
C GLY A 272 -0.10 0.70 -30.31
N GLY A 273 0.66 1.79 -30.13
CA GLY A 273 1.62 2.23 -31.11
C GLY A 273 1.04 3.03 -32.27
N LYS A 274 -0.27 3.17 -32.31
CA LYS A 274 -0.94 3.87 -33.39
C LYS A 274 -1.45 5.24 -32.96
N ASP A 275 -1.29 6.24 -33.82
CA ASP A 275 -1.75 7.60 -33.50
C ASP A 275 -3.21 7.81 -33.85
N TYR A 276 -3.92 8.46 -32.94
CA TYR A 276 -5.29 8.90 -33.16
C TYR A 276 -5.31 10.41 -33.02
N SER A 277 -5.54 11.13 -34.10
CA SER A 277 -5.32 12.58 -34.10
C SER A 277 -6.57 13.41 -34.34
N GLY A 278 -6.38 14.71 -34.37
CA GLY A 278 -7.44 15.63 -34.75
C GLY A 278 -8.33 16.11 -33.62
N TYR A 279 -7.88 15.97 -32.37
CA TYR A 279 -8.70 16.36 -31.21
C TYR A 279 -8.51 17.81 -30.77
N SER A 280 -9.61 18.48 -30.48
CA SER A 280 -9.60 19.86 -30.00
C SER A 280 -9.42 19.98 -28.48
N THR A 281 -9.53 18.86 -27.81
CA THR A 281 -9.42 18.80 -26.35
C THR A 281 -9.35 17.33 -25.97
N VAL A 282 -8.56 17.01 -24.95
CA VAL A 282 -8.53 15.66 -24.40
C VAL A 282 -8.91 15.72 -22.93
N PHE A 283 -9.91 14.93 -22.56
CA PHE A 283 -10.30 14.74 -21.16
C PHE A 283 -9.74 13.42 -20.66
N ASN A 284 -8.74 13.45 -19.79
CA ASN A 284 -8.26 12.20 -19.19
C ASN A 284 -9.04 11.92 -17.93
N THR A 285 -9.64 10.74 -17.84
CA THR A 285 -10.45 10.46 -16.65
C THR A 285 -9.95 9.27 -15.85
N THR A 286 -8.76 8.79 -16.16
CA THR A 286 -8.19 7.63 -15.46
C THR A 286 -7.71 7.98 -14.07
N ALA A 287 -7.55 6.96 -13.23
CA ALA A 287 -6.85 7.16 -11.97
C ALA A 287 -5.44 7.65 -12.28
N LEU A 288 -4.81 8.35 -11.33
CA LEU A 288 -3.57 9.06 -11.63
C LEU A 288 -2.38 8.11 -11.88
N GLY A 289 -2.40 6.94 -11.27
CA GLY A 289 -1.34 5.96 -11.53
C GLY A 289 -1.32 5.55 -13.00
N CYS A 290 -2.50 5.42 -13.59
CA CYS A 290 -2.61 5.07 -15.01
C CYS A 290 -2.12 6.21 -15.88
N LEU A 291 -2.40 7.43 -15.45
CA LEU A 291 -2.00 8.60 -16.21
C LEU A 291 -0.48 8.75 -16.18
N ASP A 292 0.11 8.44 -15.02
CA ASP A 292 1.55 8.62 -14.84
C ASP A 292 2.34 7.70 -15.77
N ARG A 293 1.75 6.54 -16.09
CA ARG A 293 2.36 5.55 -16.98
C ARG A 293 2.39 6.00 -18.43
N MET A 294 1.58 6.98 -18.80
CA MET A 294 1.56 7.42 -20.18
C MET A 294 2.76 8.29 -20.48
N ASP A 295 3.18 8.31 -21.75
CA ASP A 295 4.18 9.30 -22.19
C ASP A 295 3.45 10.63 -22.42
N LEU A 296 3.67 11.58 -21.52
CA LEU A 296 2.97 12.86 -21.59
C LEU A 296 3.87 14.00 -22.03
N ARG A 297 5.07 13.67 -22.48
CA ARG A 297 6.03 14.68 -22.89
C ARG A 297 5.45 15.66 -23.90
N GLY A 298 4.59 15.17 -24.79
CA GLY A 298 3.97 16.00 -25.81
C GLY A 298 3.01 17.05 -25.29
N LEU A 299 2.75 17.03 -23.98
CA LEU A 299 1.87 18.00 -23.34
C LEU A 299 2.61 19.10 -22.60
N ASN A 300 3.91 18.91 -22.37
CA ASN A 300 4.72 19.92 -21.70
C ASN A 300 4.14 20.36 -20.37
N LEU A 301 3.78 19.38 -19.55
CA LEU A 301 3.14 19.67 -18.27
C LEU A 301 4.10 20.36 -17.31
N HIS A 302 3.56 21.30 -16.56
CA HIS A 302 4.28 21.95 -15.47
C HIS A 302 4.88 20.86 -14.57
N PRO A 303 6.15 20.99 -14.15
CA PRO A 303 6.76 19.89 -13.39
C PRO A 303 6.04 19.56 -12.08
N THR A 304 5.39 20.53 -11.46
CA THR A 304 4.71 20.26 -10.20
C THR A 304 3.37 19.57 -10.48
N GLN A 305 2.80 19.82 -11.65
CA GLN A 305 1.62 19.08 -12.08
C GLN A 305 1.99 17.60 -12.29
N ALA A 306 3.12 17.36 -12.95
CA ALA A 306 3.66 16.02 -13.10
C ALA A 306 3.90 15.36 -11.75
N ASP A 307 4.42 16.13 -10.80
CA ASP A 307 4.68 15.62 -9.46
C ASP A 307 3.37 15.15 -8.81
N ALA A 308 2.32 15.93 -9.00
CA ALA A 308 1.01 15.61 -8.42
C ALA A 308 0.52 14.28 -8.96
N ILE A 309 0.68 14.08 -10.26
CA ILE A 309 0.26 12.83 -10.89
C ILE A 309 1.01 11.64 -10.26
N ARG A 310 2.31 11.79 -10.03
CA ARG A 310 3.09 10.69 -9.48
C ARG A 310 2.83 10.51 -7.99
N CYS A 311 2.68 11.60 -7.24
CA CYS A 311 2.79 11.55 -5.77
C CYS A 311 1.52 11.61 -4.95
N LEU A 312 0.43 12.14 -5.51
CA LEU A 312 -0.81 12.18 -4.73
C LEU A 312 -1.16 10.77 -4.26
N HIS A 313 -1.46 10.66 -2.97
CA HIS A 313 -1.58 9.33 -2.35
C HIS A 313 -2.92 8.67 -2.66
N TYR A 314 -2.86 7.38 -2.97
CA TYR A 314 -4.06 6.52 -3.09
C TYR A 314 -4.11 5.51 -1.96
N ALA A 315 -5.33 5.18 -1.52
CA ALA A 315 -5.52 4.12 -0.55
C ALA A 315 -6.03 2.87 -1.22
N ASN A 316 -5.70 1.71 -0.65
CA ASN A 316 -6.18 0.43 -1.13
C ASN A 316 -7.56 0.10 -0.53
N SER A 317 -8.32 -0.75 -1.20
CA SER A 317 -9.58 -1.27 -0.64
C SER A 317 -9.84 -2.68 -1.19
N THR A 318 -10.35 -3.55 -0.34
CA THR A 318 -10.59 -4.93 -0.74
C THR A 318 -11.96 -5.34 -0.24
N LYS A 319 -12.71 -6.07 -1.07
CA LYS A 319 -14.01 -6.60 -0.68
C LYS A 319 -14.06 -8.10 -0.91
N VAL A 320 -14.72 -8.81 0.01
CA VAL A 320 -14.87 -10.26 -0.08
C VAL A 320 -16.33 -10.59 0.21
N ALA A 321 -16.98 -11.26 -0.75
CA ALA A 321 -18.40 -11.58 -0.62
C ALA A 321 -18.60 -13.10 -0.71
N LEU A 322 -19.37 -13.65 0.22
CA LEU A 322 -19.65 -15.08 0.24
C LEU A 322 -21.14 -15.35 0.09
N LYS A 323 -21.48 -16.42 -0.64
CA LYS A 323 -22.85 -16.91 -0.73
C LYS A 323 -23.14 -17.98 0.31
N PHE A 324 -24.31 -17.87 0.94
CA PHE A 324 -24.79 -18.83 1.91
C PHE A 324 -26.16 -19.37 1.46
N SER A 325 -26.47 -20.60 1.89
CA SER A 325 -27.72 -21.26 1.50
C SER A 325 -28.95 -20.61 2.14
N TYR A 326 -28.72 -19.87 3.22
CA TYR A 326 -29.77 -19.07 3.84
C TYR A 326 -29.10 -17.91 4.56
N PRO A 327 -29.82 -16.79 4.76
CA PRO A 327 -29.24 -15.63 5.45
C PRO A 327 -29.18 -15.80 6.96
N TRP A 328 -28.18 -16.56 7.43
CA TRP A 328 -28.10 -16.90 8.85
C TRP A 328 -27.96 -15.68 9.75
N TRP A 329 -27.42 -14.58 9.23
CA TRP A 329 -27.29 -13.38 10.06
C TRP A 329 -28.67 -12.78 10.35
N ILE A 330 -29.59 -12.94 9.40
CA ILE A 330 -30.97 -12.49 9.60
C ILE A 330 -31.70 -13.48 10.51
N LYS A 331 -31.68 -14.75 10.14
CA LYS A 331 -32.52 -15.74 10.82
C LYS A 331 -32.01 -16.15 12.21
N ASP A 332 -30.69 -16.26 12.36
CA ASP A 332 -30.13 -16.77 13.62
C ASP A 332 -29.56 -15.68 14.53
N CYS A 333 -29.13 -14.57 13.96
CA CYS A 333 -28.47 -13.53 14.75
C CYS A 333 -29.34 -12.29 14.95
N GLY A 334 -30.50 -12.25 14.31
CA GLY A 334 -31.41 -11.12 14.48
C GLY A 334 -30.92 -9.85 13.83
N ILE A 335 -30.00 -9.99 12.88
CA ILE A 335 -29.49 -8.83 12.15
C ILE A 335 -30.40 -8.64 10.93
N THR A 336 -31.54 -7.99 11.17
CA THR A 336 -32.64 -8.06 10.22
C THR A 336 -32.78 -6.86 9.29
N CYS A 337 -31.91 -5.86 9.44
CA CYS A 337 -32.01 -4.71 8.54
C CYS A 337 -30.67 -4.00 8.31
N GLY A 338 -29.79 -4.76 7.67
CA GLY A 338 -28.51 -4.21 7.24
C GLY A 338 -27.60 -3.74 8.36
N GLY A 339 -26.85 -2.68 8.09
CA GLY A 339 -25.83 -2.22 9.02
C GLY A 339 -24.49 -2.90 8.74
N ALA A 340 -23.61 -2.83 9.72
CA ALA A 340 -22.27 -3.35 9.57
C ALA A 340 -21.67 -3.69 10.93
N ALA A 341 -20.95 -4.80 10.96
CA ALA A 341 -20.23 -5.23 12.15
C ALA A 341 -18.77 -4.83 11.98
N SER A 342 -18.19 -4.28 13.05
CA SER A 342 -16.80 -3.85 13.01
C SER A 342 -15.96 -4.61 14.02
N THR A 343 -14.70 -4.84 13.67
CA THR A 343 -13.86 -5.65 14.54
C THR A 343 -12.40 -5.39 14.26
N ASP A 344 -11.52 -5.79 15.19
CA ASP A 344 -10.08 -5.71 14.93
C ASP A 344 -9.57 -7.00 14.29
N LEU A 345 -10.43 -8.00 14.12
CA LEU A 345 -10.05 -9.20 13.33
C LEU A 345 -9.75 -8.80 11.90
N PRO A 346 -8.96 -9.62 11.18
CA PRO A 346 -8.57 -9.31 9.80
C PRO A 346 -9.69 -8.85 8.86
N LEU A 347 -10.91 -9.38 8.99
CA LEU A 347 -11.93 -8.97 8.02
C LEU A 347 -12.36 -7.52 8.21
N ARG A 348 -12.08 -6.96 9.40
CA ARG A 348 -12.36 -5.57 9.86
C ARG A 348 -13.82 -5.13 9.86
N THR A 349 -14.51 -5.28 8.73
CA THR A 349 -15.89 -4.82 8.62
C THR A 349 -16.70 -5.82 7.84
N CYS A 350 -17.83 -6.24 8.41
CA CYS A 350 -18.76 -7.14 7.75
C CYS A 350 -20.04 -6.36 7.46
N VAL A 351 -20.41 -6.22 6.19
CA VAL A 351 -21.56 -5.43 5.79
C VAL A 351 -22.75 -6.32 5.44
N TYR A 352 -23.87 -6.14 6.14
CA TYR A 352 -25.06 -6.93 5.85
C TYR A 352 -25.87 -6.23 4.77
N PRO A 353 -26.08 -6.92 3.64
CA PRO A 353 -26.74 -6.23 2.51
C PRO A 353 -28.11 -5.66 2.87
N SER A 354 -28.44 -4.50 2.28
CA SER A 354 -29.73 -3.85 2.53
C SER A 354 -30.76 -4.28 1.49
N TYR A 355 -30.33 -5.08 0.52
CA TYR A 355 -31.16 -5.40 -0.64
C TYR A 355 -31.70 -6.83 -0.67
N ASN A 356 -31.38 -7.64 0.34
CA ASN A 356 -31.92 -9.01 0.36
C ASN A 356 -32.60 -9.35 1.68
N LEU A 357 -33.18 -8.33 2.32
CA LEU A 357 -33.70 -8.46 3.69
C LEU A 357 -34.89 -9.42 3.80
N GLY A 358 -35.63 -9.57 2.72
CA GLY A 358 -36.81 -10.42 2.74
C GLY A 358 -36.58 -11.81 2.18
N ASP A 359 -35.35 -12.08 1.72
CA ASP A 359 -35.05 -13.38 1.12
C ASP A 359 -34.85 -14.43 2.20
N THR A 360 -35.22 -15.68 1.90
CA THR A 360 -35.03 -16.76 2.85
C THR A 360 -34.22 -17.90 2.25
N GLY A 361 -33.91 -17.78 0.96
CA GLY A 361 -33.09 -18.75 0.26
C GLY A 361 -31.64 -18.32 0.21
N GLU A 362 -30.94 -18.63 -0.89
CA GLU A 362 -29.54 -18.20 -1.05
C GLU A 362 -29.39 -16.71 -0.82
N ALA A 363 -28.29 -16.31 -0.17
CA ALA A 363 -28.07 -14.90 0.10
C ALA A 363 -26.59 -14.56 0.13
N VAL A 364 -26.27 -13.39 -0.38
CA VAL A 364 -24.90 -12.87 -0.37
C VAL A 364 -24.60 -12.08 0.92
N LEU A 365 -23.40 -12.27 1.46
CA LEU A 365 -22.91 -11.46 2.57
C LEU A 365 -21.62 -10.78 2.15
N LEU A 366 -21.52 -9.47 2.35
CA LEU A 366 -20.27 -8.77 2.11
C LEU A 366 -19.40 -8.94 3.37
N ALA A 367 -18.76 -10.11 3.46
CA ALA A 367 -18.16 -10.58 4.69
C ALA A 367 -16.95 -9.75 5.13
N SER A 368 -16.25 -9.15 4.18
CA SER A 368 -15.09 -8.31 4.52
C SER A 368 -14.97 -7.11 3.61
N TYR A 369 -14.85 -5.94 4.23
CA TYR A 369 -14.65 -4.69 3.54
C TYR A 369 -13.55 -3.94 4.27
N THR A 370 -12.41 -3.80 3.60
CA THR A 370 -11.23 -3.24 4.23
C THR A 370 -10.62 -2.11 3.43
N TRP A 371 -9.87 -1.22 4.14
CA TRP A 371 -9.06 -0.16 3.53
C TRP A 371 -7.60 -0.27 3.93
N SER A 372 -6.76 0.40 3.21
CA SER A 372 -5.38 0.64 3.62
C SER A 372 -4.60 -0.66 3.86
N GLN A 373 -3.77 -0.70 4.90
CA GLN A 373 -2.98 -1.90 5.15
C GLN A 373 -3.85 -3.15 5.39
N ASP A 374 -5.02 -2.98 5.99
CA ASP A 374 -5.95 -4.10 6.18
C ASP A 374 -6.33 -4.69 4.82
N ALA A 375 -6.53 -3.80 3.84
CA ALA A 375 -6.92 -4.22 2.50
C ALA A 375 -5.77 -4.86 1.75
N THR A 376 -4.55 -4.37 1.99
CA THR A 376 -3.39 -4.97 1.36
C THR A 376 -3.19 -6.40 1.89
N ARG A 377 -3.45 -6.58 3.18
CA ARG A 377 -3.25 -7.89 3.79
C ARG A 377 -4.31 -8.88 3.31
N ILE A 378 -5.58 -8.50 3.31
CA ILE A 378 -6.61 -9.39 2.73
C ILE A 378 -6.35 -9.59 1.23
N GLY A 379 -6.00 -8.49 0.56
CA GLY A 379 -5.70 -8.52 -0.86
C GLY A 379 -4.61 -9.51 -1.25
N SER A 380 -3.64 -9.73 -0.37
CA SER A 380 -2.56 -10.68 -0.66
C SER A 380 -3.06 -12.12 -0.80
N LEU A 381 -4.31 -12.35 -0.39
CA LEU A 381 -4.93 -13.68 -0.50
C LEU A 381 -5.94 -13.77 -1.65
N VAL A 382 -6.12 -12.66 -2.36
CA VAL A 382 -7.11 -12.60 -3.45
C VAL A 382 -6.40 -12.85 -4.77
N LYS A 383 -6.76 -13.95 -5.43
CA LYS A 383 -6.03 -14.36 -6.63
C LYS A 383 -6.92 -14.36 -7.87
N ASP A 384 -6.31 -14.04 -9.01
CA ASP A 384 -6.99 -14.01 -10.30
C ASP A 384 -7.65 -15.34 -10.61
N ALA A 385 -6.92 -16.41 -10.33
CA ALA A 385 -7.42 -17.76 -10.46
C ALA A 385 -7.46 -18.38 -9.08
N PRO A 386 -8.60 -18.26 -8.40
CA PRO A 386 -8.73 -18.71 -7.01
C PRO A 386 -8.31 -20.17 -6.86
N PRO A 387 -7.66 -20.52 -5.74
CA PRO A 387 -7.23 -21.88 -5.40
C PRO A 387 -8.34 -22.89 -5.65
N GLN A 388 -8.13 -23.79 -6.61
CA GLN A 388 -9.21 -24.63 -7.10
C GLN A 388 -9.52 -25.93 -6.33
N PRO A 389 -8.50 -26.70 -5.91
CA PRO A 389 -8.80 -27.99 -5.24
C PRO A 389 -9.79 -27.90 -4.09
N GLU A 392 -6.87 -26.03 -0.60
CA GLU A 392 -7.61 -25.28 0.41
C GLU A 392 -7.45 -23.78 0.17
N ASP A 393 -8.56 -23.05 0.24
CA ASP A 393 -8.52 -21.62 -0.03
C ASP A 393 -8.33 -20.87 1.29
N GLU A 394 -7.13 -20.31 1.49
CA GLU A 394 -6.80 -19.66 2.76
C GLU A 394 -7.76 -18.51 3.08
N LEU A 395 -8.14 -17.73 2.07
CA LEU A 395 -8.99 -16.58 2.29
C LEU A 395 -10.37 -17.00 2.79
N VAL A 396 -10.94 -18.01 2.15
CA VAL A 396 -12.25 -18.49 2.57
C VAL A 396 -12.20 -18.97 4.02
N GLU A 397 -11.20 -19.78 4.36
CA GLU A 397 -11.10 -20.28 5.72
C GLU A 397 -10.92 -19.13 6.72
N LEU A 398 -10.13 -18.12 6.37
CA LEU A 398 -9.94 -16.97 7.24
C LEU A 398 -11.27 -16.25 7.47
N ILE A 399 -12.02 -16.02 6.40
CA ILE A 399 -13.28 -15.30 6.49
C ILE A 399 -14.30 -16.09 7.32
N LEU A 400 -14.37 -17.40 7.10
CA LEU A 400 -15.27 -18.25 7.89
C LEU A 400 -14.90 -18.22 9.38
N GLN A 401 -13.62 -18.32 9.69
CA GLN A 401 -13.21 -18.29 11.09
C GLN A 401 -13.48 -16.94 11.74
N ASN A 402 -13.17 -15.86 11.02
CA ASN A 402 -13.47 -14.53 11.55
C ASN A 402 -14.97 -14.31 11.73
N LEU A 403 -15.76 -14.77 10.76
CA LEU A 403 -17.21 -14.61 10.87
C LEU A 403 -17.75 -15.34 12.11
N ALA A 404 -17.19 -16.52 12.38
CA ALA A 404 -17.65 -17.30 13.53
C ALA A 404 -17.35 -16.56 14.83
N ARG A 405 -16.17 -15.96 14.91
CA ARG A 405 -15.79 -15.23 16.11
C ARG A 405 -16.66 -13.99 16.28
N LEU A 406 -16.94 -13.32 15.17
CA LEU A 406 -17.68 -12.08 15.22
C LEU A 406 -19.14 -12.34 15.58
N HIS A 407 -19.63 -13.53 15.23
CA HIS A 407 -21.04 -13.85 15.44
C HIS A 407 -21.19 -14.95 16.48
N ALA A 408 -20.21 -15.05 17.37
CA ALA A 408 -20.10 -16.14 18.34
C ALA A 408 -21.26 -16.16 19.34
N GLU A 409 -21.95 -15.04 19.48
CA GLU A 409 -23.07 -14.98 20.41
C GLU A 409 -24.23 -15.85 19.94
N HIS A 410 -24.19 -16.23 18.67
CA HIS A 410 -25.35 -16.86 18.03
C HIS A 410 -24.95 -18.03 17.12
N MET A 411 -23.72 -18.00 16.63
CA MET A 411 -23.27 -18.98 15.62
C MET A 411 -22.02 -19.76 16.04
N THR A 412 -21.80 -20.89 15.38
CA THR A 412 -20.55 -21.62 15.48
C THR A 412 -19.87 -21.61 14.11
N TYR A 413 -18.57 -21.85 14.09
CA TYR A 413 -17.85 -22.04 12.83
C TYR A 413 -18.48 -23.16 11.99
N GLU A 414 -18.82 -24.27 12.63
CA GLU A 414 -19.39 -25.39 11.88
C GLU A 414 -20.68 -25.01 11.18
N LYS A 415 -21.54 -24.27 11.86
CA LYS A 415 -22.82 -23.90 11.26
C LYS A 415 -22.65 -22.91 10.10
N ILE A 416 -21.70 -21.98 10.25
CA ILE A 416 -21.44 -21.01 9.18
C ILE A 416 -20.80 -21.69 7.99
N LYS A 417 -19.83 -22.55 8.24
CA LYS A 417 -19.19 -23.32 7.17
C LYS A 417 -20.21 -24.19 6.43
N GLU A 418 -21.11 -24.81 7.17
CA GLU A 418 -22.17 -25.64 6.60
C GLU A 418 -23.13 -24.85 5.70
N ALA A 419 -23.44 -23.61 6.10
CA ALA A 419 -24.33 -22.75 5.32
C ALA A 419 -23.65 -22.18 4.06
N TYR A 420 -22.32 -22.10 4.11
CA TYR A 420 -21.55 -21.58 2.98
C TYR A 420 -21.68 -22.49 1.77
N THR A 421 -21.98 -21.92 0.61
CA THR A 421 -22.27 -22.73 -0.58
C THR A 421 -21.02 -23.14 -1.36
N GLY A 422 -19.88 -22.52 -1.05
CA GLY A 422 -18.66 -22.82 -1.76
C GLY A 422 -18.42 -21.82 -2.87
N VAL A 423 -19.31 -20.84 -2.97
CA VAL A 423 -19.18 -19.79 -3.98
C VAL A 423 -18.87 -18.46 -3.30
N TYR A 424 -17.78 -17.83 -3.72
CA TYR A 424 -17.46 -16.51 -3.22
C TYR A 424 -16.74 -15.73 -4.30
N HIS A 425 -16.54 -14.44 -4.06
CA HIS A 425 -15.76 -13.62 -4.97
C HIS A 425 -15.07 -12.54 -4.14
N ALA A 426 -13.88 -12.15 -4.55
CA ALA A 426 -13.17 -11.10 -3.84
C ALA A 426 -12.45 -10.21 -4.85
N TYR A 427 -12.12 -9.00 -4.42
CA TYR A 427 -11.50 -8.05 -5.32
C TYR A 427 -10.65 -7.06 -4.54
N CYS A 428 -9.41 -6.90 -4.99
CA CYS A 428 -8.48 -5.94 -4.37
C CYS A 428 -8.17 -4.85 -5.37
N TRP A 429 -8.60 -3.63 -5.10
CA TRP A 429 -8.51 -2.58 -6.12
C TRP A 429 -7.06 -2.17 -6.47
N ALA A 430 -6.12 -2.28 -5.54
CA ALA A 430 -4.72 -1.97 -5.88
C ALA A 430 -4.12 -2.98 -6.86
N ASN A 431 -4.79 -4.12 -7.03
CA ASN A 431 -4.31 -5.14 -7.97
C ASN A 431 -4.93 -4.99 -9.36
N ASP A 432 -5.82 -4.01 -9.51
CA ASP A 432 -6.45 -3.77 -10.80
C ASP A 432 -5.54 -2.91 -11.66
N PRO A 433 -5.07 -3.46 -12.79
CA PRO A 433 -4.15 -2.71 -13.67
C PRO A 433 -4.75 -1.40 -14.15
N ASN A 434 -6.07 -1.36 -14.27
CA ASN A 434 -6.74 -0.16 -14.79
C ASN A 434 -7.04 0.91 -13.75
N VAL A 435 -6.62 0.70 -12.50
CA VAL A 435 -6.82 1.73 -11.48
C VAL A 435 -5.58 1.89 -10.60
N GLY A 436 -5.06 0.78 -10.09
CA GLY A 436 -3.82 0.81 -9.30
C GLY A 436 -4.01 1.28 -7.87
N GLY A 437 -5.25 1.24 -7.41
CA GLY A 437 -5.58 1.65 -6.06
C GLY A 437 -7.08 1.74 -5.97
N ALA A 438 -7.62 2.06 -4.81
CA ALA A 438 -9.08 2.20 -4.73
C ALA A 438 -9.52 3.63 -5.03
N PHE A 439 -8.88 4.60 -4.40
CA PHE A 439 -9.22 6.00 -4.59
C PHE A 439 -8.20 6.90 -3.94
N ALA A 440 -8.23 8.16 -4.34
CA ALA A 440 -7.37 9.16 -3.74
C ALA A 440 -7.65 9.28 -2.24
N LEU A 441 -6.59 9.38 -1.46
CA LEU A 441 -6.71 9.66 -0.04
C LEU A 441 -5.41 10.37 0.29
N PHE A 442 -5.45 11.70 0.23
CA PHE A 442 -4.24 12.50 0.19
C PHE A 442 -3.46 12.50 1.50
N GLY A 443 -2.15 12.63 1.35
CA GLY A 443 -1.25 12.80 2.48
C GLY A 443 -1.24 14.25 2.94
N PRO A 444 -0.56 14.52 4.05
CA PRO A 444 -0.52 15.89 4.60
C PRO A 444 0.06 16.88 3.61
N GLY A 445 -0.60 18.03 3.48
CA GLY A 445 -0.10 19.05 2.58
C GLY A 445 -0.45 18.89 1.11
N GLN A 446 -0.94 17.72 0.72
CA GLN A 446 -1.17 17.46 -0.69
C GLN A 446 -2.34 18.27 -1.28
N PHE A 447 -3.45 18.33 -0.55
CA PHE A 447 -4.59 19.11 -1.02
C PHE A 447 -4.22 20.59 -1.18
N SER A 448 -3.46 21.11 -0.23
CA SER A 448 -3.15 22.55 -0.25
C SER A 448 -1.99 22.91 -1.17
N ASN A 449 -1.10 21.97 -1.48
CA ASN A 449 0.09 22.28 -2.29
C ASN A 449 0.14 21.62 -3.66
N LEU A 450 -0.14 20.33 -3.74
CA LEU A 450 -0.03 19.59 -5.02
C LEU A 450 -1.30 19.68 -5.84
N TYR A 451 -2.44 19.54 -5.19
CA TYR A 451 -3.73 19.52 -5.88
C TYR A 451 -3.96 20.77 -6.78
N PRO A 452 -3.61 21.98 -6.33
CA PRO A 452 -3.81 23.11 -7.26
C PRO A 452 -3.01 23.00 -8.57
N TYR A 453 -1.86 22.34 -8.53
CA TYR A 453 -1.09 22.10 -9.76
C TYR A 453 -1.69 20.96 -10.60
N LEU A 454 -2.28 19.96 -9.94
CA LEU A 454 -2.98 18.92 -10.68
C LEU A 454 -4.07 19.56 -11.54
N MET A 455 -4.72 20.57 -10.99
CA MET A 455 -5.88 21.19 -11.62
C MET A 455 -5.51 22.39 -12.50
N ARG A 456 -4.22 22.64 -12.66
CA ARG A 456 -3.72 23.75 -13.47
C ARG A 456 -4.03 23.57 -14.95
N PRO A 457 -4.41 24.67 -15.65
CA PRO A 457 -4.63 24.54 -17.08
C PRO A 457 -3.39 24.02 -17.80
N ALA A 458 -3.59 23.14 -18.78
CA ALA A 458 -2.47 22.51 -19.48
C ALA A 458 -2.73 22.44 -20.99
N ALA A 459 -1.66 22.42 -21.78
CA ALA A 459 -1.75 22.41 -23.23
C ALA A 459 -2.58 23.59 -23.73
N GLY A 460 -2.34 24.75 -23.13
CA GLY A 460 -3.06 25.97 -23.51
C GLY A 460 -4.55 25.90 -23.26
N GLY A 461 -4.95 25.13 -22.25
CA GLY A 461 -6.35 25.01 -21.89
C GLY A 461 -7.10 23.90 -22.61
N LYS A 462 -6.38 22.97 -23.25
CA LYS A 462 -7.02 21.91 -24.03
C LYS A 462 -6.89 20.51 -23.40
N PHE A 463 -6.17 20.41 -22.29
CA PHE A 463 -6.04 19.11 -21.61
C PHE A 463 -6.59 19.20 -20.19
N HIS A 464 -7.41 18.21 -19.83
CA HIS A 464 -8.02 18.19 -18.50
C HIS A 464 -7.78 16.88 -17.80
N ILE A 465 -7.34 16.95 -16.54
CA ILE A 465 -7.16 15.77 -15.71
C ILE A 465 -8.43 15.67 -14.85
N VAL A 466 -9.23 14.63 -15.11
CA VAL A 466 -10.58 14.54 -14.58
C VAL A 466 -10.78 13.26 -13.78
N GLY A 467 -11.64 13.31 -12.79
CA GLY A 467 -11.96 12.11 -12.04
C GLY A 467 -12.08 12.40 -10.57
N GLU A 468 -12.35 11.37 -9.77
CA GLU A 468 -12.58 11.58 -8.35
C GLU A 468 -11.36 12.21 -7.68
N ALA A 469 -10.16 11.88 -8.13
CA ALA A 469 -8.97 12.46 -7.52
C ALA A 469 -8.87 13.96 -7.82
N SER A 470 -9.38 14.31 -8.99
CA SER A 470 -9.40 15.70 -9.45
C SER A 470 -10.65 16.40 -8.92
N SER A 471 -10.87 16.27 -7.62
CA SER A 471 -12.02 16.88 -6.97
C SER A 471 -11.75 16.99 -5.49
N VAL A 472 -12.65 17.64 -4.76
CA VAL A 472 -12.53 17.70 -3.31
C VAL A 472 -13.41 16.66 -2.63
N HIS A 473 -13.98 15.75 -3.42
CA HIS A 473 -14.80 14.66 -2.90
C HIS A 473 -14.25 13.32 -3.29
N HIS A 474 -13.08 13.00 -2.77
CA HIS A 474 -12.46 11.73 -3.07
C HIS A 474 -13.31 10.55 -2.65
N ALA A 475 -13.21 9.48 -3.43
CA ALA A 475 -13.83 8.19 -3.13
C ALA A 475 -15.36 8.23 -3.15
N TRP A 476 -15.92 9.21 -3.86
CA TRP A 476 -17.36 9.25 -4.10
C TRP A 476 -17.69 9.52 -5.55
N ILE A 477 -18.84 9.04 -6.00
CA ILE A 477 -19.30 9.37 -7.34
C ILE A 477 -19.36 10.89 -7.52
N ILE A 478 -19.75 11.60 -6.47
CA ILE A 478 -19.94 13.06 -6.59
C ILE A 478 -18.66 13.76 -7.05
N GLY A 479 -17.50 13.29 -6.58
CA GLY A 479 -16.24 13.90 -6.98
C GLY A 479 -16.01 13.73 -8.47
N SER A 480 -16.31 12.55 -8.99
CA SER A 480 -16.16 12.24 -10.40
C SER A 480 -17.06 13.13 -11.25
N LEU A 481 -18.28 13.33 -10.80
CA LEU A 481 -19.26 14.10 -11.56
C LEU A 481 -18.93 15.60 -11.55
N GLU A 482 -18.57 16.14 -10.40
CA GLU A 482 -18.17 17.54 -10.29
C GLU A 482 -16.96 17.81 -11.17
N SER A 483 -16.01 16.90 -11.14
CA SER A 483 -14.78 17.06 -11.91
C SER A 483 -15.11 17.13 -13.41
N ALA A 484 -15.99 16.24 -13.85
CA ALA A 484 -16.41 16.16 -15.26
C ALA A 484 -17.14 17.43 -15.68
N TYR A 485 -18.05 17.90 -14.83
CA TYR A 485 -18.83 19.09 -15.15
C TYR A 485 -17.91 20.29 -15.33
N THR A 486 -17.00 20.46 -14.37
CA THR A 486 -16.09 21.60 -14.40
C THR A 486 -15.21 21.59 -15.64
N ALA A 487 -14.76 20.41 -16.03
CA ALA A 487 -13.92 20.28 -17.23
C ALA A 487 -14.70 20.62 -18.49
N VAL A 488 -15.98 20.25 -18.52
CA VAL A 488 -16.79 20.57 -19.69
C VAL A 488 -16.98 22.08 -19.78
N TYR A 489 -17.22 22.71 -18.62
CA TYR A 489 -17.30 24.18 -18.55
C TYR A 489 -16.05 24.81 -19.16
N GLN A 490 -14.88 24.33 -18.75
CA GLN A 490 -13.62 24.90 -19.19
C GLN A 490 -13.45 24.74 -20.72
N PHE A 491 -13.88 23.59 -21.23
CA PHE A 491 -13.86 23.31 -22.67
C PHE A 491 -14.72 24.31 -23.46
N LEU A 492 -15.96 24.49 -23.01
CA LEU A 492 -16.87 25.39 -23.71
C LEU A 492 -16.34 26.83 -23.68
N TYR A 493 -15.79 27.20 -22.53
CA TYR A 493 -15.22 28.53 -22.34
C TYR A 493 -14.02 28.76 -23.24
N LYS A 494 -13.11 27.79 -23.27
CA LYS A 494 -11.92 27.84 -24.12
C LYS A 494 -12.29 28.15 -25.57
N TYR A 495 -13.35 27.54 -26.07
CA TYR A 495 -13.68 27.73 -27.48
C TYR A 495 -14.81 28.75 -27.65
N LYS A 496 -15.10 29.48 -26.57
CA LYS A 496 -16.02 30.61 -26.61
C LYS A 496 -17.39 30.23 -27.16
N MET A 497 -17.89 29.07 -26.75
CA MET A 497 -19.20 28.60 -27.20
C MET A 497 -20.25 29.11 -26.24
N TRP A 498 -20.44 30.43 -26.23
CA TRP A 498 -21.24 31.08 -25.19
C TRP A 498 -22.67 30.57 -25.13
N ASP A 499 -23.31 30.33 -26.28
CA ASP A 499 -24.68 29.81 -26.29
C ASP A 499 -24.76 28.50 -25.49
N TYR A 500 -23.76 27.65 -25.70
CA TYR A 500 -23.76 26.32 -25.12
C TYR A 500 -23.24 26.32 -23.70
N LEU A 501 -22.36 27.26 -23.38
CA LEU A 501 -21.99 27.49 -21.99
C LEU A 501 -23.18 27.96 -21.17
N ARG A 502 -23.96 28.89 -21.71
CA ARG A 502 -25.16 29.33 -21.00
C ARG A 502 -26.12 28.16 -20.81
N LEU A 503 -26.19 27.29 -21.81
CA LEU A 503 -27.07 26.13 -21.75
C LEU A 503 -26.56 25.14 -20.70
N LEU A 504 -25.25 24.99 -20.63
CA LEU A 504 -24.65 24.11 -19.63
C LEU A 504 -25.06 24.56 -18.24
N LEU A 505 -24.95 25.87 -17.98
CA LEU A 505 -25.31 26.42 -16.69
C LEU A 505 -26.80 26.26 -16.44
N GLU A 506 -27.60 26.45 -17.47
CA GLU A 506 -29.04 26.38 -17.32
C GLU A 506 -29.50 24.97 -16.94
N ARG A 507 -28.91 23.98 -17.60
CA ARG A 507 -29.38 22.60 -17.49
C ARG A 507 -28.60 21.75 -16.49
N TRP A 508 -27.34 22.09 -16.26
CA TRP A 508 -26.44 21.17 -15.57
C TRP A 508 -25.79 21.70 -14.31
N GLN A 509 -26.00 22.98 -13.97
CA GLN A 509 -25.36 23.50 -12.78
C GLN A 509 -26.05 22.89 -11.57
N TYR A 510 -27.37 22.92 -11.59
CA TYR A 510 -28.18 22.29 -10.55
C TYR A 510 -29.02 21.18 -11.16
N GLU B 4 20.51 -35.69 31.88
CA GLU B 4 19.94 -34.98 33.02
C GLU B 4 18.86 -33.98 32.59
N LEU B 5 19.06 -33.37 31.41
CA LEU B 5 18.02 -32.50 30.85
C LEU B 5 16.85 -33.34 30.37
N PRO B 6 15.62 -32.94 30.75
CA PRO B 6 14.42 -33.61 30.30
C PRO B 6 14.23 -33.41 28.80
N PRO B 7 13.52 -34.32 28.14
CA PRO B 7 13.26 -34.14 26.70
C PRO B 7 12.40 -32.89 26.49
N ARG B 8 12.79 -32.08 25.52
CA ARG B 8 12.01 -30.90 25.18
C ARG B 8 11.96 -30.74 23.68
N LYS B 9 10.87 -30.13 23.22
CA LYS B 9 10.66 -29.89 21.80
C LYS B 9 10.22 -28.43 21.66
N VAL B 10 10.76 -27.72 20.68
CA VAL B 10 10.27 -26.38 20.39
C VAL B 10 9.76 -26.31 18.96
N CYS B 11 8.93 -25.29 18.70
CA CYS B 11 8.33 -25.12 17.39
C CYS B 11 8.85 -23.84 16.74
N ILE B 12 9.31 -23.95 15.51
CA ILE B 12 9.76 -22.80 14.75
C ILE B 12 8.74 -22.58 13.62
N VAL B 13 8.03 -21.47 13.66
CA VAL B 13 7.06 -21.17 12.62
C VAL B 13 7.74 -20.34 11.55
N GLY B 14 7.88 -20.92 10.36
CA GLY B 14 8.47 -20.26 9.22
C GLY B 14 9.94 -20.62 9.00
N ALA B 15 10.31 -20.82 7.74
CA ALA B 15 11.68 -21.18 7.40
C ALA B 15 12.30 -20.15 6.46
N GLY B 16 12.22 -18.88 6.84
CA GLY B 16 13.05 -17.87 6.22
C GLY B 16 14.36 -17.86 6.97
N VAL B 17 15.14 -16.81 6.81
CA VAL B 17 16.48 -16.83 7.39
C VAL B 17 16.45 -16.78 8.93
N SER B 18 15.46 -16.15 9.56
CA SER B 18 15.35 -16.14 11.02
C SER B 18 15.12 -17.53 11.56
N GLY B 19 14.16 -18.21 10.95
CA GLY B 19 13.80 -19.55 11.40
C GLY B 19 14.97 -20.51 11.19
N LEU B 20 15.60 -20.42 10.03
CA LEU B 20 16.75 -21.28 9.74
C LEU B 20 17.91 -20.98 10.69
N TYR B 21 18.03 -19.73 11.08
CA TYR B 21 19.11 -19.31 11.99
C TYR B 21 18.89 -19.84 13.40
N ILE B 22 17.65 -19.76 13.88
CA ILE B 22 17.33 -20.40 15.17
C ILE B 22 17.76 -21.87 15.15
N ALA B 23 17.34 -22.59 14.12
CA ALA B 23 17.71 -23.99 14.00
C ALA B 23 19.23 -24.18 13.93
N MET B 24 19.92 -23.30 13.21
CA MET B 24 21.38 -23.35 13.12
C MET B 24 22.05 -23.22 14.48
N ILE B 25 21.54 -22.31 15.30
CA ILE B 25 22.10 -22.07 16.62
C ILE B 25 21.83 -23.28 17.50
N LEU B 26 20.60 -23.78 17.48
CA LEU B 26 20.26 -24.95 18.28
C LEU B 26 21.11 -26.16 17.87
N ASP B 27 21.28 -26.34 16.56
CA ASP B 27 22.09 -27.45 16.05
C ASP B 27 23.52 -27.36 16.53
N ASP B 28 24.04 -26.14 16.63
CA ASP B 28 25.41 -25.93 17.06
C ASP B 28 25.59 -26.15 18.57
N LEU B 29 24.60 -25.76 19.36
CA LEU B 29 24.70 -25.88 20.81
C LEU B 29 24.53 -27.33 21.27
N LYS B 30 23.88 -28.14 20.45
CA LYS B 30 23.71 -29.58 20.74
C LYS B 30 23.21 -29.87 22.16
N ILE B 31 22.12 -29.23 22.53
CA ILE B 31 21.53 -29.40 23.85
C ILE B 31 20.89 -30.78 23.96
N PRO B 32 21.33 -31.60 24.95
CA PRO B 32 20.80 -32.95 25.12
C PRO B 32 19.29 -33.02 25.20
N ASN B 33 18.69 -33.90 24.39
CA ASN B 33 17.28 -34.23 24.42
C ASN B 33 16.37 -33.10 23.96
N LEU B 34 16.95 -32.12 23.28
CA LEU B 34 16.18 -31.01 22.69
C LEU B 34 16.01 -31.23 21.20
N THR B 35 14.77 -31.15 20.74
CA THR B 35 14.45 -31.27 19.31
C THR B 35 13.58 -30.09 18.88
N TYR B 36 13.36 -29.99 17.58
CA TYR B 36 12.47 -28.96 17.08
C TYR B 36 11.73 -29.41 15.82
N ASP B 37 10.57 -28.80 15.60
CA ASP B 37 9.85 -28.86 14.34
C ASP B 37 9.95 -27.47 13.70
N ILE B 38 10.21 -27.44 12.39
CA ILE B 38 10.16 -26.21 11.62
C ILE B 38 9.07 -26.33 10.58
N PHE B 39 8.03 -25.52 10.69
CA PHE B 39 6.91 -25.57 9.77
C PHE B 39 6.95 -24.36 8.84
N GLU B 40 6.87 -24.60 7.54
CA GLU B 40 6.92 -23.55 6.54
C GLU B 40 5.66 -23.62 5.67
N SER B 41 4.96 -22.50 5.55
CA SER B 41 3.69 -22.48 4.82
C SER B 41 3.86 -22.70 3.32
N SER B 42 4.94 -22.16 2.76
CA SER B 42 5.20 -22.23 1.33
C SER B 42 5.75 -23.60 0.93
N SER B 43 5.63 -23.94 -0.34
CA SER B 43 6.33 -25.12 -0.85
C SER B 43 7.82 -24.82 -0.94
N ARG B 44 8.15 -23.53 -0.94
CA ARG B 44 9.52 -23.03 -1.02
C ARG B 44 10.09 -22.66 0.37
N THR B 45 11.39 -22.88 0.56
CA THR B 45 12.10 -22.50 1.79
C THR B 45 12.94 -21.25 1.51
N GLY B 46 13.03 -20.34 2.48
CA GLY B 46 13.89 -19.19 2.34
C GLY B 46 13.22 -17.85 2.53
N GLY B 47 11.91 -17.78 2.32
CA GLY B 47 11.18 -16.53 2.52
C GLY B 47 11.67 -15.41 1.63
N ARG B 48 12.02 -14.29 2.23
CA ARG B 48 12.49 -13.12 1.50
C ARG B 48 13.97 -13.21 1.11
N LEU B 49 14.55 -14.40 1.25
CA LEU B 49 15.75 -14.76 0.52
C LEU B 49 15.29 -15.60 -0.66
N TYR B 50 15.37 -15.06 -1.86
CA TYR B 50 14.69 -15.66 -3.00
C TYR B 50 15.35 -15.30 -4.31
N THR B 51 16.21 -16.19 -4.81
CA THR B 51 16.83 -15.98 -6.12
C THR B 51 15.98 -16.61 -7.21
N HIS B 52 15.69 -15.84 -8.25
CA HIS B 52 15.00 -16.37 -9.42
C HIS B 52 16.00 -16.73 -10.50
N HIS B 53 16.04 -18.01 -10.88
CA HIS B 53 16.93 -18.45 -11.95
C HIS B 53 16.16 -18.64 -13.25
N PHE B 54 16.48 -17.85 -14.27
CA PHE B 54 15.85 -17.99 -15.59
C PHE B 54 16.24 -19.31 -16.25
N THR B 55 17.53 -19.62 -16.20
CA THR B 55 18.07 -20.92 -16.58
C THR B 55 19.14 -21.31 -15.58
N ASP B 56 19.79 -22.44 -15.78
CA ASP B 56 20.85 -22.85 -14.86
C ASP B 56 22.22 -22.27 -15.28
N ALA B 57 22.22 -21.42 -16.30
CA ALA B 57 23.43 -20.75 -16.73
C ALA B 57 23.98 -19.84 -15.62
N LYS B 58 25.30 -19.77 -15.57
CA LYS B 58 26.11 -19.05 -14.58
C LYS B 58 25.49 -17.83 -13.86
N HIS B 59 25.16 -16.81 -14.64
CA HIS B 59 24.71 -15.55 -14.08
C HIS B 59 23.28 -15.25 -14.48
N ASP B 60 22.54 -16.29 -14.82
CA ASP B 60 21.22 -16.07 -15.40
C ASP B 60 20.15 -16.04 -14.32
N TYR B 61 20.26 -15.05 -13.43
CA TYR B 61 19.38 -14.95 -12.29
C TYR B 61 19.20 -13.50 -11.87
N TYR B 62 18.23 -13.26 -10.99
CA TYR B 62 18.24 -12.04 -10.19
C TYR B 62 17.68 -12.37 -8.82
N ASP B 63 17.99 -11.51 -7.86
CA ASP B 63 17.49 -11.72 -6.52
C ASP B 63 16.21 -10.90 -6.32
N ILE B 64 15.13 -11.61 -6.05
CA ILE B 64 13.83 -11.03 -5.80
C ILE B 64 13.77 -10.41 -4.41
N GLY B 65 14.43 -11.05 -3.45
CA GLY B 65 14.55 -10.47 -2.12
C GLY B 65 15.93 -9.87 -1.90
N ALA B 66 16.54 -10.20 -0.76
CA ALA B 66 17.83 -9.64 -0.37
C ALA B 66 18.87 -9.84 -1.45
N MET B 67 19.69 -8.82 -1.72
CA MET B 67 20.69 -8.95 -2.78
C MET B 67 22.03 -8.28 -2.50
N ARG B 68 22.09 -7.36 -1.55
CA ARG B 68 23.31 -6.57 -1.33
C ARG B 68 23.59 -6.30 0.15
N TYR B 69 24.86 -6.26 0.54
CA TYR B 69 25.25 -6.26 1.95
C TYR B 69 26.41 -5.30 2.21
N PRO B 70 26.16 -4.23 3.00
CA PRO B 70 27.24 -3.28 3.29
C PRO B 70 28.10 -3.79 4.44
N ASP B 71 29.42 -3.81 4.24
CA ASP B 71 30.32 -4.27 5.29
C ASP B 71 30.53 -3.17 6.32
N ILE B 72 29.54 -3.04 7.21
CA ILE B 72 29.57 -2.07 8.31
C ILE B 72 29.50 -2.84 9.62
N PRO B 73 30.00 -2.24 10.73
CA PRO B 73 30.08 -2.97 12.00
C PRO B 73 28.75 -3.56 12.47
N SER B 74 27.66 -2.82 12.29
CA SER B 74 26.38 -3.28 12.78
C SER B 74 25.88 -4.51 12.04
N MET B 75 26.51 -4.86 10.92
CA MET B 75 26.07 -6.05 10.19
C MET B 75 27.09 -7.18 10.25
N LYS B 76 27.95 -7.14 11.27
CA LYS B 76 28.95 -8.19 11.41
C LYS B 76 28.31 -9.59 11.53
N ARG B 77 27.18 -9.70 12.21
CA ARG B 77 26.53 -11.01 12.35
C ARG B 77 26.11 -11.56 10.99
N THR B 78 25.73 -10.70 10.07
CA THR B 78 25.40 -11.17 8.72
C THR B 78 26.63 -11.71 8.00
N PHE B 79 27.73 -10.96 8.01
CA PHE B 79 28.93 -11.45 7.35
C PHE B 79 29.51 -12.69 8.05
N ASN B 80 29.30 -12.82 9.36
CA ASN B 80 29.71 -14.04 10.04
CA ASN B 80 29.70 -14.05 10.04
C ASN B 80 28.90 -15.25 9.55
N LEU B 81 27.61 -15.05 9.29
CA LEU B 81 26.79 -16.11 8.73
C LEU B 81 27.31 -16.49 7.34
N PHE B 82 27.69 -15.48 6.56
CA PHE B 82 28.23 -15.72 5.22
C PHE B 82 29.51 -16.56 5.31
N LYS B 83 30.35 -16.23 6.28
CA LYS B 83 31.62 -16.95 6.46
C LYS B 83 31.36 -18.37 6.95
N ARG B 84 30.48 -18.52 7.93
CA ARG B 84 30.13 -19.84 8.46
C ARG B 84 29.64 -20.80 7.38
N THR B 85 28.94 -20.25 6.38
CA THR B 85 28.30 -21.09 5.37
C THR B 85 29.06 -21.16 4.05
N GLY B 86 30.23 -20.52 4.01
CA GLY B 86 31.07 -20.55 2.83
C GLY B 86 30.52 -19.82 1.62
N MET B 87 29.77 -18.74 1.85
CA MET B 87 29.19 -17.98 0.75
C MET B 87 30.27 -17.38 -0.14
N PRO B 88 30.13 -17.56 -1.46
CA PRO B 88 31.05 -16.91 -2.39
C PRO B 88 30.71 -15.43 -2.59
N LEU B 89 31.39 -14.56 -1.84
CA LEU B 89 31.10 -13.14 -1.88
C LEU B 89 31.88 -12.44 -2.98
N ILE B 90 31.22 -11.55 -3.69
CA ILE B 90 31.90 -10.69 -4.65
C ILE B 90 31.50 -9.24 -4.42
N LYS B 91 32.28 -8.32 -4.99
CA LYS B 91 31.99 -6.91 -4.81
C LYS B 91 30.64 -6.53 -5.44
N TYR B 92 29.87 -5.73 -4.70
CA TYR B 92 28.65 -5.12 -5.20
C TYR B 92 28.90 -3.63 -5.38
N TYR B 93 28.62 -3.10 -6.56
CA TYR B 93 28.82 -1.68 -6.81
C TYR B 93 27.53 -0.92 -6.64
N LEU B 94 27.41 -0.26 -5.48
CA LEU B 94 26.24 0.56 -5.18
C LEU B 94 26.20 1.77 -6.10
N ASP B 95 27.38 2.34 -6.34
CA ASP B 95 27.55 3.45 -7.29
C ASP B 95 28.44 2.95 -8.41
N GLY B 96 28.12 3.31 -9.63
CA GLY B 96 28.93 2.89 -10.76
C GLY B 96 29.17 4.04 -11.71
N GLU B 97 29.96 3.78 -12.74
CA GLU B 97 30.28 4.82 -13.72
C GLU B 97 29.18 4.98 -14.75
N ASN B 98 28.95 6.22 -15.15
CA ASN B 98 28.08 6.57 -16.28
C ASN B 98 26.60 6.20 -16.10
N THR B 99 26.17 6.02 -14.86
CA THR B 99 24.76 5.74 -14.64
C THR B 99 23.94 7.02 -14.78
N PRO B 100 22.91 6.99 -15.64
CA PRO B 100 22.10 8.18 -15.88
C PRO B 100 21.09 8.46 -14.77
N GLN B 101 20.76 9.72 -14.60
CA GLN B 101 19.69 10.15 -13.71
CA GLN B 101 19.69 10.14 -13.70
C GLN B 101 18.77 11.08 -14.47
N LEU B 102 17.48 10.78 -14.48
CA LEU B 102 16.53 11.47 -15.33
C LEU B 102 15.32 11.96 -14.54
N TYR B 103 15.19 13.27 -14.37
CA TYR B 103 14.04 13.85 -13.68
C TYR B 103 13.51 14.99 -14.51
N ASN B 104 12.19 15.11 -14.57
CA ASN B 104 11.55 16.13 -15.40
C ASN B 104 12.10 16.11 -16.82
N ASN B 105 12.38 14.90 -17.32
CA ASN B 105 12.88 14.66 -18.68
C ASN B 105 14.23 15.31 -18.99
N HIS B 106 14.99 15.62 -17.94
CA HIS B 106 16.35 16.14 -18.10
C HIS B 106 17.35 15.22 -17.45
N PHE B 107 18.55 15.15 -18.03
CA PHE B 107 19.61 14.32 -17.45
C PHE B 107 20.48 15.10 -16.49
N PHE B 108 20.87 14.46 -15.40
CA PHE B 108 21.79 15.05 -14.45
C PHE B 108 23.17 15.23 -15.05
N ALA B 109 23.85 16.31 -14.68
CA ALA B 109 25.25 16.51 -14.99
C ALA B 109 25.90 17.25 -13.84
N LYS B 110 27.10 16.82 -13.43
CA LYS B 110 27.77 17.45 -12.29
C LYS B 110 28.08 18.91 -12.59
N GLY B 111 27.92 19.77 -11.58
CA GLY B 111 28.30 21.16 -11.71
C GLY B 111 27.26 22.06 -12.34
N VAL B 112 26.20 21.46 -12.87
CA VAL B 112 25.12 22.23 -13.46
C VAL B 112 24.19 22.73 -12.35
N VAL B 113 23.75 23.97 -12.43
CA VAL B 113 22.75 24.48 -11.49
C VAL B 113 21.36 24.11 -12.00
N ASP B 114 20.56 23.49 -11.14
CA ASP B 114 19.20 23.03 -11.48
C ASP B 114 19.13 22.31 -12.84
N PRO B 115 19.88 21.20 -13.00
CA PRO B 115 19.89 20.48 -14.28
C PRO B 115 18.51 19.99 -14.68
N TYR B 116 17.64 19.72 -13.72
CA TYR B 116 16.32 19.17 -14.04
C TYR B 116 15.26 20.25 -14.31
N MET B 117 15.63 21.52 -14.17
CA MET B 117 14.70 22.63 -14.44
C MET B 117 13.45 22.57 -13.57
N VAL B 118 13.63 22.33 -12.27
CA VAL B 118 12.49 22.28 -11.35
C VAL B 118 12.52 23.40 -10.31
N SER B 119 13.53 24.25 -10.35
CA SER B 119 13.65 25.36 -9.41
C SER B 119 12.62 26.45 -9.70
N VAL B 120 12.30 27.22 -8.67
CA VAL B 120 11.41 28.35 -8.80
C VAL B 120 11.95 29.29 -9.88
N ALA B 121 13.27 29.48 -9.89
CA ALA B 121 13.89 30.33 -10.90
C ALA B 121 13.58 29.85 -12.32
N ASN B 122 13.42 28.54 -12.51
CA ASN B 122 13.18 27.97 -13.84
C ASN B 122 11.73 27.55 -14.07
N GLY B 123 10.83 28.04 -13.22
CA GLY B 123 9.41 27.79 -13.44
C GLY B 123 8.82 26.58 -12.74
N GLY B 124 9.61 25.91 -11.91
CA GLY B 124 9.09 24.83 -11.08
C GLY B 124 8.75 25.39 -9.72
N THR B 125 8.62 24.55 -8.70
CA THR B 125 8.33 25.04 -7.36
C THR B 125 9.36 24.64 -6.30
N VAL B 126 10.47 24.03 -6.71
CA VAL B 126 11.51 23.64 -5.75
C VAL B 126 12.32 24.89 -5.41
N PRO B 127 12.41 25.27 -4.13
CA PRO B 127 13.18 26.47 -3.75
C PRO B 127 14.60 26.42 -4.28
N ASP B 128 15.10 27.57 -4.73
CA ASP B 128 16.42 27.61 -5.35
C ASP B 128 17.51 27.14 -4.39
N ASP B 129 17.35 27.43 -3.11
CA ASP B 129 18.41 27.07 -2.17
C ASP B 129 18.36 25.60 -1.76
N VAL B 130 17.37 24.87 -2.27
CA VAL B 130 17.24 23.43 -1.97
C VAL B 130 17.59 22.54 -3.16
N VAL B 131 17.32 23.03 -4.37
CA VAL B 131 17.27 22.16 -5.54
C VAL B 131 18.56 21.37 -5.79
N ASP B 132 19.71 22.01 -5.56
CA ASP B 132 20.98 21.35 -5.82
C ASP B 132 21.64 20.85 -4.54
N SER B 133 20.97 20.99 -3.40
CA SER B 133 21.63 20.69 -2.12
C SER B 133 20.85 19.72 -1.23
N VAL B 134 20.10 18.81 -1.85
CA VAL B 134 19.33 17.82 -1.10
C VAL B 134 20.24 17.00 -0.18
N GLY B 135 21.36 16.54 -0.73
CA GLY B 135 22.28 15.72 0.05
C GLY B 135 22.76 16.42 1.30
N GLU B 136 23.25 17.64 1.12
CA GLU B 136 23.72 18.46 2.23
C GLU B 136 22.62 18.67 3.27
N LYS B 137 21.40 18.96 2.81
CA LYS B 137 20.33 19.30 3.73
C LYS B 137 19.81 18.08 4.50
N LEU B 138 19.81 16.91 3.85
CA LEU B 138 19.40 15.68 4.54
C LEU B 138 20.51 15.21 5.47
N GLN B 139 21.77 15.45 5.10
CA GLN B 139 22.86 15.10 6.02
C GLN B 139 22.77 15.97 7.28
N GLN B 140 22.34 17.21 7.13
CA GLN B 140 22.14 18.09 8.28
C GLN B 140 20.98 17.58 9.15
N ALA B 141 19.95 17.05 8.51
CA ALA B 141 18.80 16.55 9.26
C ALA B 141 19.12 15.22 9.97
N PHE B 142 19.83 14.32 9.29
CA PHE B 142 20.07 12.97 9.79
C PHE B 142 21.40 12.81 10.52
N GLY B 143 22.34 13.70 10.24
CA GLY B 143 23.74 13.49 10.55
C GLY B 143 24.09 13.27 12.01
N TYR B 144 23.50 14.07 12.89
CA TYR B 144 23.77 13.92 14.32
C TYR B 144 23.42 12.50 14.76
N TYR B 145 22.26 12.01 14.33
CA TYR B 145 21.81 10.68 14.74
C TYR B 145 22.63 9.58 14.06
N LYS B 146 23.00 9.79 12.81
CA LYS B 146 23.81 8.81 12.09
C LYS B 146 25.15 8.63 12.82
N GLU B 147 25.69 9.72 13.32
CA GLU B 147 26.95 9.68 14.04
C GLU B 147 26.83 8.94 15.38
N LYS B 148 25.72 9.15 16.08
CA LYS B 148 25.49 8.46 17.34
C LYS B 148 25.30 6.96 17.08
N LEU B 149 24.60 6.63 16.01
CA LEU B 149 24.42 5.22 15.64
C LEU B 149 25.73 4.55 15.29
N ALA B 150 26.65 5.31 14.69
CA ALA B 150 27.98 4.77 14.34
C ALA B 150 28.81 4.51 15.58
N GLU B 151 28.67 5.39 16.58
CA GLU B 151 29.39 5.22 17.84
C GLU B 151 28.91 3.98 18.58
N ASP B 152 27.58 3.78 18.58
CA ASP B 152 26.97 2.68 19.32
C ASP B 152 25.52 2.59 18.87
N PHE B 153 25.16 1.56 18.09
CA PHE B 153 23.83 1.54 17.49
C PHE B 153 22.73 1.57 18.53
N ASP B 154 22.86 0.75 19.58
CA ASP B 154 21.85 0.72 20.66
C ASP B 154 21.64 2.08 21.32
N LYS B 155 22.74 2.70 21.76
CA LYS B 155 22.66 4.01 22.39
C LYS B 155 22.14 5.04 21.41
N GLY B 156 22.60 4.95 20.16
CA GLY B 156 22.16 5.85 19.11
C GLY B 156 20.67 5.72 18.88
N PHE B 157 20.19 4.48 18.85
CA PHE B 157 18.76 4.22 18.65
C PHE B 157 17.93 4.81 19.80
N ASP B 158 18.40 4.61 21.02
CA ASP B 158 17.66 5.10 22.17
C ASP B 158 17.56 6.62 22.17
N GLU B 159 18.60 7.30 21.70
CA GLU B 159 18.59 8.74 21.61
C GLU B 159 17.63 9.20 20.50
N LEU B 160 17.66 8.47 19.38
CA LEU B 160 16.79 8.76 18.25
C LEU B 160 15.31 8.56 18.61
N MET B 161 15.02 7.65 19.53
CA MET B 161 13.63 7.42 19.94
C MET B 161 13.00 8.65 20.60
N LEU B 162 13.82 9.60 21.07
CA LEU B 162 13.29 10.81 21.68
C LEU B 162 12.69 11.80 20.66
N VAL B 163 12.84 11.53 19.36
CA VAL B 163 12.13 12.31 18.34
C VAL B 163 11.31 11.39 17.42
N ASP B 164 11.05 10.18 17.89
CA ASP B 164 10.34 9.19 17.08
C ASP B 164 8.87 9.53 16.84
N ASP B 165 8.34 10.50 17.59
CA ASP B 165 6.96 10.89 17.36
C ASP B 165 6.78 11.59 16.00
N MET B 166 7.88 12.04 15.39
CA MET B 166 7.78 12.83 14.16
C MET B 166 7.97 12.00 12.86
N THR B 167 7.22 12.34 11.82
CA THR B 167 7.56 11.84 10.50
C THR B 167 8.76 12.63 9.96
N THR B 168 9.38 12.11 8.90
CA THR B 168 10.45 12.85 8.26
C THR B 168 9.96 14.20 7.79
N ARG B 169 8.78 14.24 7.16
CA ARG B 169 8.21 15.50 6.70
C ARG B 169 8.01 16.45 7.87
N GLU B 170 7.48 15.94 8.98
CA GLU B 170 7.19 16.78 10.14
C GLU B 170 8.49 17.37 10.71
N TYR B 171 9.53 16.56 10.77
CA TYR B 171 10.83 17.03 11.26
C TYR B 171 11.37 18.16 10.39
N LEU B 172 11.30 17.96 9.07
CA LEU B 172 11.80 18.97 8.13
C LEU B 172 10.93 20.23 8.13
N LYS B 173 9.63 20.04 8.32
CA LYS B 173 8.69 21.15 8.35
C LYS B 173 8.87 22.03 9.57
N ARG B 174 9.05 21.40 10.73
CA ARG B 174 9.04 22.13 11.99
CA ARG B 174 9.05 22.14 11.98
C ARG B 174 10.45 22.53 12.45
N GLY B 175 11.46 22.02 11.78
CA GLY B 175 12.82 22.34 12.19
C GLY B 175 13.22 21.54 13.42
N GLY B 176 12.90 20.25 13.39
CA GLY B 176 13.20 19.38 14.51
C GLY B 176 12.26 19.60 15.68
N PRO B 177 12.56 18.97 16.83
CA PRO B 177 11.63 18.93 17.96
C PRO B 177 11.46 20.27 18.69
N LYS B 178 12.40 21.20 18.50
CA LYS B 178 12.34 22.51 19.16
C LYS B 178 12.26 23.66 18.18
N GLY B 179 12.23 23.37 16.88
CA GLY B 179 12.20 24.40 15.86
C GLY B 179 13.53 25.10 15.67
N GLU B 180 14.60 24.48 16.14
CA GLU B 180 15.92 25.11 16.06
C GLU B 180 16.75 24.60 14.89
N ALA B 181 16.18 23.68 14.11
CA ALA B 181 16.80 23.26 12.87
C ALA B 181 16.11 24.00 11.72
N PRO B 182 16.68 23.94 10.50
CA PRO B 182 16.03 24.63 9.39
C PRO B 182 14.60 24.15 9.13
N LYS B 183 13.71 25.04 8.74
CA LYS B 183 12.34 24.68 8.41
C LYS B 183 12.16 24.73 6.90
N TYR B 184 11.51 23.71 6.36
CA TYR B 184 11.38 23.60 4.90
C TYR B 184 9.91 23.61 4.48
N ASP B 185 9.60 24.25 3.35
CA ASP B 185 8.23 24.30 2.86
C ASP B 185 7.87 22.99 2.16
N PHE B 186 6.60 22.83 1.81
CA PHE B 186 6.14 21.56 1.26
C PHE B 186 6.95 21.09 0.06
N PHE B 187 7.25 22.01 -0.86
CA PHE B 187 7.88 21.60 -2.12
C PHE B 187 9.34 21.24 -1.95
N ALA B 188 10.01 21.88 -0.99
CA ALA B 188 11.37 21.50 -0.66
C ALA B 188 11.39 20.07 -0.13
N ILE B 189 10.47 19.77 0.77
CA ILE B 189 10.45 18.45 1.37
C ILE B 189 10.10 17.40 0.32
N GLN B 190 9.17 17.77 -0.57
CA GLN B 190 8.77 16.88 -1.64
C GLN B 190 9.96 16.52 -2.53
N TRP B 191 10.79 17.52 -2.84
CA TRP B 191 11.97 17.27 -3.69
C TRP B 191 12.99 16.41 -2.95
N MET B 192 13.16 16.66 -1.67
CA MET B 192 14.06 15.82 -0.89
C MET B 192 13.58 14.36 -0.92
N GLU B 193 12.27 14.15 -0.77
CA GLU B 193 11.74 12.80 -0.80
C GLU B 193 12.00 12.16 -2.16
N THR B 194 11.72 12.92 -3.20
CA THR B 194 11.88 12.44 -4.57
C THR B 194 13.31 11.98 -4.83
N GLN B 195 14.26 12.74 -4.30
CA GLN B 195 15.69 12.44 -4.51
C GLN B 195 16.26 11.43 -3.51
N ASN B 196 15.51 11.11 -2.45
CA ASN B 196 16.05 10.28 -1.38
C ASN B 196 15.42 8.90 -1.23
N THR B 197 14.13 8.76 -1.51
CA THR B 197 13.44 7.53 -1.18
C THR B 197 12.23 7.32 -2.10
N GLY B 198 11.36 6.38 -1.74
CA GLY B 198 10.18 6.07 -2.54
C GLY B 198 9.07 7.07 -2.30
N THR B 199 8.17 7.19 -3.27
CA THR B 199 7.03 8.09 -3.17
C THR B 199 6.25 7.93 -1.85
N ASN B 200 6.01 9.05 -1.17
CA ASN B 200 5.27 9.16 0.10
C ASN B 200 6.03 8.73 1.36
N LEU B 201 7.24 8.21 1.26
CA LEU B 201 7.83 7.62 2.46
C LEU B 201 8.32 8.62 3.51
N PHE B 202 8.40 9.90 3.16
CA PHE B 202 8.69 10.89 4.20
C PHE B 202 7.48 11.11 5.12
N ASP B 203 6.34 10.49 4.81
CA ASP B 203 5.22 10.55 5.74
C ASP B 203 5.24 9.36 6.70
N GLN B 204 6.28 8.54 6.62
CA GLN B 204 6.51 7.54 7.67
C GLN B 204 7.55 8.07 8.68
N ALA B 205 8.03 7.21 9.57
CA ALA B 205 8.86 7.66 10.70
C ALA B 205 10.17 8.35 10.29
N PHE B 206 10.46 9.49 10.91
CA PHE B 206 11.77 10.14 10.79
C PHE B 206 12.87 9.14 11.17
N SER B 207 12.62 8.32 12.18
CA SER B 207 13.64 7.41 12.65
C SER B 207 13.97 6.37 11.57
N GLU B 208 12.98 5.95 10.78
CA GLU B 208 13.24 5.02 9.69
C GLU B 208 14.07 5.68 8.57
N SER B 209 13.80 6.95 8.30
CA SER B 209 14.59 7.67 7.29
C SER B 209 16.05 7.80 7.75
N VAL B 210 16.25 8.07 9.04
CA VAL B 210 17.61 8.15 9.61
C VAL B 210 18.35 6.82 9.47
N ILE B 211 17.69 5.75 9.90
CA ILE B 211 18.32 4.43 9.90
C ILE B 211 18.61 4.01 8.46
N ALA B 212 17.69 4.35 7.55
CA ALA B 212 17.89 4.12 6.12
C ALA B 212 19.16 4.80 5.62
N SER B 213 19.31 6.06 5.98
CA SER B 213 20.47 6.85 5.58
C SER B 213 21.74 6.27 6.19
N PHE B 214 21.64 5.79 7.43
CA PHE B 214 22.76 5.16 8.11
C PHE B 214 23.24 3.90 7.37
N ASP B 215 22.29 3.14 6.83
CA ASP B 215 22.67 1.89 6.17
C ASP B 215 23.16 2.10 4.72
N PHE B 216 22.56 3.02 4.01
CA PHE B 216 22.92 3.29 2.63
C PHE B 216 23.95 4.38 2.39
N ASP B 217 24.16 5.24 3.36
CA ASP B 217 25.11 6.31 3.25
C ASP B 217 25.86 6.37 4.56
N ASN B 218 26.39 5.22 4.95
CA ASN B 218 27.08 5.09 6.22
C ASN B 218 28.33 5.97 6.22
N PRO B 219 28.62 6.59 7.37
CA PRO B 219 29.80 7.44 7.51
C PRO B 219 31.12 6.72 7.19
N THR B 220 31.18 5.40 7.38
CA THR B 220 32.42 4.67 7.12
C THR B 220 32.73 4.47 5.64
N LYS B 221 31.80 4.86 4.76
CA LYS B 221 31.93 4.65 3.32
C LYS B 221 32.34 3.22 2.98
N PRO B 222 31.47 2.25 3.30
CA PRO B 222 31.83 0.84 3.29
C PRO B 222 31.93 0.20 1.90
N GLU B 223 32.62 -0.93 1.85
CA GLU B 223 32.53 -1.82 0.70
C GLU B 223 31.20 -2.59 0.78
N TRP B 224 30.58 -2.83 -0.37
CA TRP B 224 29.38 -3.66 -0.46
C TRP B 224 29.66 -4.99 -1.14
N TYR B 225 28.89 -6.01 -0.76
CA TYR B 225 29.06 -7.33 -1.36
C TYR B 225 27.74 -7.92 -1.80
N CYS B 226 27.82 -8.87 -2.71
CA CYS B 226 26.67 -9.71 -3.03
C CYS B 226 27.15 -11.15 -3.13
N ILE B 227 26.23 -12.10 -3.22
CA ILE B 227 26.59 -13.51 -3.25
C ILE B 227 26.55 -14.00 -4.68
N GLU B 228 27.70 -14.41 -5.20
CA GLU B 228 27.77 -14.81 -6.60
C GLU B 228 27.02 -16.12 -6.78
N GLY B 229 26.00 -16.11 -7.63
CA GLY B 229 25.14 -17.27 -7.77
C GLY B 229 23.78 -17.06 -7.11
N GLY B 230 23.60 -15.91 -6.46
CA GLY B 230 22.33 -15.56 -5.85
C GLY B 230 22.25 -15.86 -4.36
N THR B 231 21.52 -15.02 -3.63
CA THR B 231 21.37 -15.16 -2.19
C THR B 231 20.76 -16.50 -1.77
N SER B 232 20.00 -17.15 -2.64
CA SER B 232 19.41 -18.44 -2.29
C SER B 232 20.46 -19.53 -2.02
N LEU B 233 21.71 -19.33 -2.45
CA LEU B 233 22.78 -20.24 -2.06
C LEU B 233 22.91 -20.30 -0.53
N LEU B 234 22.59 -19.19 0.14
CA LEU B 234 22.65 -19.16 1.60
C LEU B 234 21.56 -20.05 2.19
N VAL B 235 20.36 -19.95 1.64
CA VAL B 235 19.26 -20.79 2.07
C VAL B 235 19.63 -22.26 1.89
N ASP B 236 20.21 -22.57 0.72
CA ASP B 236 20.63 -23.94 0.43
C ASP B 236 21.59 -24.44 1.51
N ALA B 237 22.59 -23.62 1.82
CA ALA B 237 23.61 -23.99 2.80
C ALA B 237 23.03 -24.17 4.20
N MET B 238 22.12 -23.27 4.59
CA MET B 238 21.51 -23.37 5.91
C MET B 238 20.58 -24.59 6.01
N LYS B 239 19.83 -24.87 4.95
CA LYS B 239 18.95 -26.05 4.91
C LYS B 239 19.73 -27.34 5.07
N GLU B 240 20.89 -27.38 4.42
CA GLU B 240 21.71 -28.58 4.37
C GLU B 240 22.14 -29.08 5.74
N THR B 241 22.45 -28.14 6.63
CA THR B 241 22.98 -28.51 7.94
C THR B 241 21.91 -28.89 8.97
N LEU B 242 20.63 -28.70 8.62
CA LEU B 242 19.55 -28.90 9.59
C LEU B 242 19.48 -30.31 10.13
N VAL B 243 19.44 -30.42 11.46
CA VAL B 243 19.24 -31.72 12.09
C VAL B 243 17.81 -32.21 11.87
N HIS B 244 16.87 -31.28 11.87
CA HIS B 244 15.48 -31.59 11.55
C HIS B 244 15.08 -30.77 10.33
N LYS B 245 14.71 -31.45 9.25
CA LYS B 245 14.46 -30.76 7.99
C LYS B 245 13.19 -29.94 8.04
N VAL B 246 13.17 -28.88 7.25
CA VAL B 246 11.97 -28.06 7.08
C VAL B 246 10.78 -28.91 6.63
N GLN B 247 9.63 -28.70 7.25
CA GLN B 247 8.39 -29.29 6.75
C GLN B 247 7.60 -28.25 5.97
N ASN B 248 7.66 -28.34 4.65
CA ASN B 248 6.98 -27.37 3.78
C ASN B 248 5.49 -27.67 3.65
N ASN B 249 4.75 -26.70 3.09
CA ASN B 249 3.31 -26.80 2.92
C ASN B 249 2.60 -27.06 4.24
N LYS B 250 3.10 -26.40 5.28
CA LYS B 250 2.57 -26.51 6.63
C LYS B 250 2.30 -25.11 7.17
N ARG B 251 1.09 -24.63 6.94
CA ARG B 251 0.74 -23.27 7.36
C ARG B 251 0.09 -23.28 8.75
N VAL B 252 0.78 -22.70 9.72
CA VAL B 252 0.24 -22.59 11.07
C VAL B 252 -0.91 -21.58 11.08
N GLU B 253 -2.04 -21.97 11.67
CA GLU B 253 -3.22 -21.10 11.68
C GLU B 253 -3.66 -20.72 13.10
N ALA B 254 -3.02 -21.31 14.11
CA ALA B 254 -3.32 -20.98 15.51
C ALA B 254 -2.16 -21.39 16.39
N ILE B 255 -1.95 -20.65 17.49
CA ILE B 255 -0.91 -20.96 18.46
C ILE B 255 -1.49 -20.82 19.86
N SER B 256 -1.14 -21.73 20.77
CA SER B 256 -1.78 -21.77 22.07
C SER B 256 -0.84 -22.29 23.15
N ILE B 257 -1.18 -21.95 24.39
CA ILE B 257 -0.55 -22.55 25.55
C ILE B 257 -1.66 -22.98 26.51
N ASP B 258 -1.48 -24.14 27.13
CA ASP B 258 -2.42 -24.64 28.11
C ASP B 258 -1.87 -24.38 29.51
N LEU B 259 -2.32 -23.29 30.11
CA LEU B 259 -1.76 -22.81 31.36
C LEU B 259 -2.13 -23.71 32.53
N ASP B 260 -3.15 -24.53 32.34
CA ASP B 260 -3.58 -25.48 33.37
C ASP B 260 -2.65 -26.69 33.44
N ALA B 261 -1.97 -27.00 32.34
CA ALA B 261 -1.02 -28.12 32.33
C ALA B 261 0.30 -27.73 32.99
N PRO B 262 0.87 -28.63 33.81
CA PRO B 262 2.09 -28.36 34.56
C PRO B 262 3.38 -28.61 33.78
N ASP B 263 3.28 -29.25 32.62
CA ASP B 263 4.44 -29.66 31.85
C ASP B 263 5.16 -28.49 31.18
N ASP B 264 6.46 -28.66 30.90
CA ASP B 264 7.19 -27.71 30.08
C ASP B 264 6.56 -27.59 28.70
N GLY B 265 6.21 -28.74 28.11
CA GLY B 265 5.70 -28.79 26.75
C GLY B 265 4.20 -28.58 26.64
N ASN B 266 3.71 -27.47 27.16
CA ASN B 266 2.27 -27.23 27.21
C ASN B 266 1.79 -26.26 26.11
N MET B 267 2.58 -26.12 25.05
CA MET B 267 2.17 -25.30 23.90
C MET B 267 1.83 -26.14 22.67
N SER B 268 1.00 -25.59 21.81
CA SER B 268 0.61 -26.28 20.60
C SER B 268 0.35 -25.31 19.46
N VAL B 269 0.35 -25.84 18.24
CA VAL B 269 -0.10 -25.07 17.09
C VAL B 269 -1.10 -25.88 16.28
N LYS B 270 -1.87 -25.19 15.45
CA LYS B 270 -2.85 -25.84 14.61
C LYS B 270 -2.43 -25.66 13.16
N ILE B 271 -2.44 -26.74 12.39
CA ILE B 271 -2.11 -26.70 10.96
C ILE B 271 -3.15 -27.50 10.20
N GLY B 272 -3.85 -26.86 9.27
CA GLY B 272 -4.91 -27.51 8.53
C GLY B 272 -5.92 -28.20 9.43
N GLY B 273 -6.28 -27.53 10.53
CA GLY B 273 -7.28 -28.05 11.43
C GLY B 273 -6.78 -29.08 12.42
N LYS B 274 -5.52 -29.47 12.28
CA LYS B 274 -4.93 -30.52 13.13
C LYS B 274 -3.97 -29.95 14.18
N ASP B 275 -4.05 -30.48 15.40
CA ASP B 275 -3.22 -30.02 16.50
C ASP B 275 -1.83 -30.67 16.53
N TYR B 276 -0.82 -29.85 16.73
CA TYR B 276 0.55 -30.31 16.95
C TYR B 276 0.96 -29.80 18.32
N SER B 277 1.14 -30.70 19.29
CA SER B 277 1.35 -30.28 20.67
C SER B 277 2.72 -30.68 21.21
N GLY B 278 2.93 -30.39 22.49
CA GLY B 278 4.12 -30.83 23.21
C GLY B 278 5.29 -29.88 23.18
N TYR B 279 5.06 -28.63 22.77
CA TYR B 279 6.16 -27.67 22.63
C TYR B 279 6.42 -26.87 23.90
N SER B 280 7.70 -26.73 24.24
CA SER B 280 8.13 -25.96 25.41
C SER B 280 8.32 -24.47 25.11
N THR B 281 8.31 -24.14 23.83
CA THR B 281 8.45 -22.76 23.39
C THR B 281 8.07 -22.73 21.91
N VAL B 282 7.49 -21.62 21.47
CA VAL B 282 7.18 -21.42 20.07
C VAL B 282 7.85 -20.14 19.59
N PHE B 283 8.64 -20.24 18.52
CA PHE B 283 9.24 -19.07 17.88
C PHE B 283 8.47 -18.76 16.61
N ASN B 284 7.71 -17.66 16.59
CA ASN B 284 7.06 -17.29 15.34
C ASN B 284 7.98 -16.38 14.55
N THR B 285 8.26 -16.73 13.29
CA THR B 285 9.20 -15.92 12.52
C THR B 285 8.59 -15.31 11.27
N THR B 286 7.26 -15.38 11.17
CA THR B 286 6.57 -14.83 10.00
C THR B 286 6.47 -13.31 10.03
N ALA B 287 6.21 -12.73 8.85
CA ALA B 287 5.83 -11.33 8.78
C ALA B 287 4.56 -11.13 9.62
N LEU B 288 4.37 -9.91 10.12
CA LEU B 288 3.34 -9.70 11.14
C LEU B 288 1.93 -9.87 10.58
N GLY B 289 1.75 -9.56 9.29
CA GLY B 289 0.45 -9.78 8.66
C GLY B 289 0.02 -11.23 8.70
N CYS B 290 0.99 -12.13 8.51
CA CYS B 290 0.69 -13.56 8.57
C CYS B 290 0.37 -13.96 10.02
N LEU B 291 1.04 -13.33 10.96
CA LEU B 291 0.80 -13.66 12.37
C LEU B 291 -0.59 -13.18 12.79
N ASP B 292 -0.98 -12.00 12.30
CA ASP B 292 -2.26 -11.42 12.72
C ASP B 292 -3.43 -12.30 12.27
N ARG B 293 -3.26 -13.04 11.18
CA ARG B 293 -4.31 -13.91 10.65
C ARG B 293 -4.52 -15.18 11.48
N MET B 294 -3.56 -15.52 12.33
CA MET B 294 -3.70 -16.71 13.14
C MET B 294 -4.66 -16.47 14.29
N ASP B 295 -5.26 -17.53 14.80
CA ASP B 295 -6.04 -17.42 16.02
C ASP B 295 -5.06 -17.53 17.18
N LEU B 296 -4.85 -16.42 17.88
CA LEU B 296 -3.84 -16.38 18.94
C LEU B 296 -4.46 -16.27 20.32
N ARG B 297 -5.78 -16.47 20.41
CA ARG B 297 -6.49 -16.34 21.68
C ARG B 297 -5.87 -17.20 22.76
N GLY B 298 -5.35 -18.37 22.37
CA GLY B 298 -4.76 -19.31 23.31
C GLY B 298 -3.47 -18.82 23.95
N LEU B 299 -2.95 -17.69 23.46
CA LEU B 299 -1.73 -17.09 24.02
C LEU B 299 -1.99 -15.94 25.00
N ASN B 300 -3.22 -15.44 25.03
CA ASN B 300 -3.59 -14.35 25.93
C ASN B 300 -2.65 -13.14 25.82
N LEU B 301 -2.38 -12.71 24.59
CA LEU B 301 -1.45 -11.61 24.35
C LEU B 301 -1.99 -10.31 24.92
N HIS B 302 -1.09 -9.54 25.51
CA HIS B 302 -1.39 -8.17 25.93
C HIS B 302 -2.04 -7.42 24.75
N PRO B 303 -3.11 -6.65 25.02
CA PRO B 303 -3.84 -6.00 23.91
C PRO B 303 -2.95 -5.11 23.05
N THR B 304 -1.95 -4.47 23.64
CA THR B 304 -1.11 -3.54 22.87
C THR B 304 -0.10 -4.33 22.04
N GLN B 305 0.26 -5.53 22.50
CA GLN B 305 1.08 -6.43 21.69
C GLN B 305 0.28 -6.86 20.46
N ALA B 306 -0.98 -7.22 20.67
CA ALA B 306 -1.87 -7.52 19.56
C ALA B 306 -2.00 -6.32 18.60
N ASP B 307 -2.09 -5.11 19.15
CA ASP B 307 -2.19 -3.92 18.31
C ASP B 307 -0.95 -3.76 17.44
N ALA B 308 0.22 -4.04 18.02
CA ALA B 308 1.47 -3.93 17.27
C ALA B 308 1.44 -4.88 16.08
N ILE B 309 0.95 -6.10 16.30
CA ILE B 309 0.90 -7.09 15.22
C ILE B 309 0.02 -6.58 14.07
N ARG B 310 -1.12 -5.99 14.42
CA ARG B 310 -2.04 -5.52 13.38
C ARG B 310 -1.53 -4.24 12.73
N CYS B 311 -0.93 -3.34 13.51
CA CYS B 311 -0.79 -1.95 13.06
C CYS B 311 0.58 -1.50 12.61
N LEU B 312 1.64 -2.19 13.04
CA LEU B 312 2.97 -1.78 12.61
C LEU B 312 3.00 -1.77 11.08
N HIS B 313 3.50 -0.67 10.53
CA HIS B 313 3.41 -0.44 9.09
C HIS B 313 4.46 -1.21 8.27
N TYR B 314 4.01 -1.80 7.17
CA TYR B 314 4.88 -2.43 6.18
C TYR B 314 4.91 -1.63 4.88
N ALA B 315 6.06 -1.63 4.21
CA ALA B 315 6.16 -1.04 2.88
C ALA B 315 6.14 -2.11 1.82
N ASN B 316 5.65 -1.73 0.64
CA ASN B 316 5.64 -2.62 -0.52
C ASN B 316 6.96 -2.52 -1.28
N SER B 317 7.32 -3.55 -2.04
CA SER B 317 8.46 -3.46 -2.94
C SER B 317 8.22 -4.39 -4.14
N THR B 318 8.64 -3.93 -5.31
CA THR B 318 8.44 -4.70 -6.52
C THR B 318 9.73 -4.67 -7.33
N LYS B 319 10.09 -5.82 -7.92
CA LYS B 319 11.24 -5.93 -8.79
C LYS B 319 10.84 -6.49 -10.14
N VAL B 320 11.47 -5.98 -11.19
CA VAL B 320 11.22 -6.43 -12.56
C VAL B 320 12.57 -6.64 -13.26
N ALA B 321 12.81 -7.86 -13.74
CA ALA B 321 14.09 -8.19 -14.37
C ALA B 321 13.87 -8.70 -15.79
N LEU B 322 14.63 -8.15 -16.74
CA LEU B 322 14.50 -8.53 -18.14
C LEU B 322 15.81 -9.16 -18.64
N LYS B 323 15.68 -10.17 -19.52
CA LYS B 323 16.85 -10.72 -20.19
C LYS B 323 17.08 -10.07 -21.55
N PHE B 324 18.34 -9.78 -21.84
CA PHE B 324 18.76 -9.20 -23.11
C PHE B 324 19.82 -10.08 -23.76
N SER B 325 19.88 -10.04 -25.10
CA SER B 325 20.79 -10.92 -25.84
C SER B 325 22.25 -10.49 -25.67
N TYR B 326 22.45 -9.25 -25.25
CA TYR B 326 23.78 -8.75 -24.86
C TYR B 326 23.60 -7.62 -23.86
N PRO B 327 24.63 -7.35 -23.04
CA PRO B 327 24.51 -6.29 -22.04
C PRO B 327 24.69 -4.89 -22.64
N TRP B 328 23.64 -4.39 -23.29
CA TRP B 328 23.73 -3.12 -24.00
C TRP B 328 24.08 -1.95 -23.08
N TRP B 329 23.78 -2.06 -21.80
CA TRP B 329 24.14 -0.97 -20.88
C TRP B 329 25.65 -0.91 -20.70
N ILE B 330 26.30 -2.07 -20.76
CA ILE B 330 27.76 -2.11 -20.66
C ILE B 330 28.37 -1.67 -21.99
N LYS B 331 27.92 -2.30 -23.07
CA LYS B 331 28.57 -2.17 -24.38
C LYS B 331 28.29 -0.83 -25.06
N ASP B 332 27.04 -0.38 -25.00
CA ASP B 332 26.62 0.82 -25.72
C ASP B 332 26.55 2.08 -24.85
N CYS B 333 26.35 1.92 -23.55
CA CYS B 333 26.15 3.07 -22.66
C CYS B 333 27.33 3.32 -21.73
N GLY B 334 28.34 2.45 -21.79
CA GLY B 334 29.52 2.62 -20.96
C GLY B 334 29.27 2.46 -19.47
N ILE B 335 28.18 1.80 -19.12
CA ILE B 335 27.87 1.50 -17.72
C ILE B 335 28.52 0.16 -17.38
N THR B 336 29.82 0.22 -17.07
CA THR B 336 30.63 -0.99 -17.05
C THR B 336 30.87 -1.60 -15.70
N CYS B 337 30.40 -0.96 -14.62
CA CYS B 337 30.66 -1.51 -13.28
C CYS B 337 29.51 -1.27 -12.31
N GLY B 338 28.34 -1.79 -12.70
CA GLY B 338 27.19 -1.77 -11.81
C GLY B 338 26.64 -0.40 -11.51
N GLY B 339 26.13 -0.21 -10.29
CA GLY B 339 25.52 1.04 -9.91
C GLY B 339 24.03 0.99 -10.19
N ALA B 340 23.40 2.15 -10.18
CA ALA B 340 21.97 2.20 -10.41
C ALA B 340 21.57 3.55 -10.99
N ALA B 341 20.59 3.51 -11.88
CA ALA B 341 20.05 4.71 -12.47
C ALA B 341 18.74 5.06 -11.76
N SER B 342 18.52 6.35 -11.53
CA SER B 342 17.34 6.80 -10.82
C SER B 342 16.55 7.77 -11.68
N THR B 343 15.24 7.76 -11.53
CA THR B 343 14.39 8.56 -12.39
C THR B 343 13.02 8.75 -11.73
N ASP B 344 12.29 9.74 -12.20
CA ASP B 344 10.90 9.93 -11.73
C ASP B 344 9.93 9.16 -12.63
N LEU B 345 10.45 8.53 -13.70
CA LEU B 345 9.62 7.64 -14.52
C LEU B 345 9.14 6.47 -13.64
N PRO B 346 8.05 5.80 -14.04
CA PRO B 346 7.48 4.69 -13.26
C PRO B 346 8.47 3.63 -12.81
N LEU B 347 9.51 3.31 -13.59
CA LEU B 347 10.39 2.23 -13.15
C LEU B 347 11.24 2.63 -11.94
N ARG B 348 11.35 3.95 -11.71
CA ARG B 348 12.06 4.62 -10.60
C ARG B 348 13.57 4.34 -10.48
N THR B 349 13.95 3.06 -10.39
CA THR B 349 15.36 2.70 -10.22
C THR B 349 15.69 1.50 -11.08
N CYS B 350 16.76 1.63 -11.86
CA CYS B 350 17.27 0.55 -12.70
C CYS B 350 18.63 0.14 -12.14
N VAL B 351 18.76 -1.12 -11.71
CA VAL B 351 19.99 -1.60 -11.07
C VAL B 351 20.81 -2.45 -12.03
N TYR B 352 22.03 -2.02 -12.32
CA TYR B 352 22.91 -2.79 -13.21
C TYR B 352 23.64 -3.86 -12.39
N PRO B 353 23.45 -5.14 -12.74
CA PRO B 353 24.01 -6.21 -11.90
C PRO B 353 25.53 -6.13 -11.74
N SER B 354 26.03 -6.52 -10.58
CA SER B 354 27.46 -6.49 -10.31
C SER B 354 28.10 -7.84 -10.60
N TYR B 355 27.27 -8.82 -10.96
CA TYR B 355 27.76 -10.19 -11.13
C TYR B 355 27.88 -10.68 -12.57
N ASN B 356 27.58 -9.81 -13.55
CA ASN B 356 27.73 -10.22 -14.94
C ASN B 356 28.58 -9.25 -15.76
N LEU B 357 29.50 -8.56 -15.08
CA LEU B 357 30.24 -7.45 -15.70
C LEU B 357 31.14 -7.87 -16.87
N GLY B 358 31.62 -9.11 -16.85
CA GLY B 358 32.49 -9.58 -17.91
C GLY B 358 31.81 -10.42 -18.97
N ASP B 359 30.48 -10.54 -18.89
CA ASP B 359 29.75 -11.36 -19.85
C ASP B 359 29.48 -10.56 -21.12
N THR B 360 29.46 -11.24 -22.26
CA THR B 360 29.20 -10.56 -23.53
C THR B 360 28.00 -11.13 -24.26
N GLY B 361 27.45 -12.25 -23.76
CA GLY B 361 26.27 -12.86 -24.34
C GLY B 361 25.05 -12.45 -23.54
N GLU B 362 24.12 -13.38 -23.33
CA GLU B 362 22.90 -13.06 -22.58
C GLU B 362 23.18 -12.44 -21.21
N ALA B 363 22.37 -11.47 -20.83
CA ALA B 363 22.55 -10.82 -19.54
C ALA B 363 21.20 -10.36 -18.97
N VAL B 364 21.11 -10.45 -17.65
CA VAL B 364 19.94 -9.99 -16.90
C VAL B 364 20.11 -8.53 -16.48
N LEU B 365 19.03 -7.76 -16.57
CA LEU B 365 19.01 -6.40 -16.06
C LEU B 365 17.90 -6.28 -15.04
N LEU B 366 18.21 -5.74 -13.85
CA LEU B 366 17.15 -5.47 -12.88
C LEU B 366 16.56 -4.11 -13.25
N ALA B 367 15.65 -4.14 -14.20
CA ALA B 367 15.19 -2.94 -14.90
C ALA B 367 14.36 -2.01 -14.02
N SER B 368 13.64 -2.56 -13.05
CA SER B 368 12.85 -1.73 -12.14
C SER B 368 12.87 -2.28 -10.72
N TYR B 369 13.20 -1.41 -9.78
CA TYR B 369 13.20 -1.72 -8.37
C TYR B 369 12.51 -0.58 -7.64
N THR B 370 11.33 -0.87 -7.08
CA THR B 370 10.51 0.19 -6.53
C THR B 370 10.07 -0.11 -5.12
N TRP B 371 9.69 0.95 -4.35
CA TRP B 371 9.13 0.83 -3.01
C TRP B 371 7.80 1.56 -2.94
N SER B 372 7.01 1.25 -1.96
CA SER B 372 5.90 2.10 -1.54
C SER B 372 4.87 2.24 -2.67
N GLN B 373 4.29 3.42 -2.83
CA GLN B 373 3.27 3.58 -3.86
C GLN B 373 3.80 3.27 -5.27
N ASP B 374 5.07 3.58 -5.51
CA ASP B 374 5.67 3.26 -6.79
C ASP B 374 5.58 1.74 -7.05
N ALA B 375 5.81 0.96 -5.99
CA ALA B 375 5.83 -0.50 -6.08
C ALA B 375 4.43 -1.06 -6.23
N THR B 376 3.47 -0.42 -5.58
CA THR B 376 2.08 -0.82 -5.72
C THR B 376 1.63 -0.59 -7.17
N ARG B 377 2.06 0.51 -7.76
CA ARG B 377 1.65 0.82 -9.13
C ARG B 377 2.29 -0.15 -10.13
N ILE B 378 3.58 -0.40 -10.01
CA ILE B 378 4.19 -1.43 -10.88
C ILE B 378 3.60 -2.81 -10.60
N GLY B 379 3.43 -3.10 -9.31
CA GLY B 379 2.84 -4.36 -8.87
C GLY B 379 1.48 -4.66 -9.46
N SER B 380 0.69 -3.63 -9.75
CA SER B 380 -0.64 -3.83 -10.33
C SER B 380 -0.58 -4.45 -11.73
N LEU B 381 0.61 -4.45 -12.32
CA LEU B 381 0.83 -5.03 -13.65
C LEU B 381 1.52 -6.39 -13.59
N VAL B 382 1.89 -6.82 -12.39
CA VAL B 382 2.58 -8.10 -12.17
C VAL B 382 1.58 -9.21 -11.87
N LYS B 383 1.46 -10.18 -12.77
CA LYS B 383 0.44 -11.21 -12.59
C LYS B 383 1.03 -12.60 -12.39
N ASP B 384 0.36 -13.41 -11.56
CA ASP B 384 0.79 -14.77 -11.24
C ASP B 384 0.92 -15.60 -12.49
N ALA B 385 -0.01 -15.38 -13.42
CA ALA B 385 0.05 -15.99 -14.73
C ALA B 385 0.24 -14.88 -15.74
N PRO B 386 1.51 -14.59 -16.07
CA PRO B 386 1.86 -13.50 -16.98
C PRO B 386 1.08 -13.59 -18.27
N PRO B 387 0.57 -12.44 -18.77
CA PRO B 387 -0.24 -12.43 -20.00
C PRO B 387 0.46 -13.15 -21.14
N GLN B 388 -0.28 -14.04 -21.79
CA GLN B 388 0.24 -14.81 -22.90
C GLN B 388 -0.17 -14.16 -24.23
N PRO B 389 0.74 -14.18 -25.23
CA PRO B 389 0.66 -13.49 -26.53
C PRO B 389 -0.74 -13.11 -27.02
N GLU B 392 -0.81 -8.53 -25.42
CA GLU B 392 0.49 -7.89 -25.25
C GLU B 392 0.69 -7.47 -23.80
N ASP B 393 1.92 -7.61 -23.32
CA ASP B 393 2.22 -7.45 -21.89
C ASP B 393 2.48 -5.98 -21.57
N GLU B 394 1.53 -5.33 -20.88
CA GLU B 394 1.66 -3.91 -20.58
C GLU B 394 2.93 -3.58 -19.78
N LEU B 395 3.26 -4.43 -18.82
CA LEU B 395 4.42 -4.17 -17.96
C LEU B 395 5.72 -4.18 -18.77
N VAL B 396 5.89 -5.18 -19.63
CA VAL B 396 7.06 -5.23 -20.49
C VAL B 396 7.21 -3.98 -21.36
N GLU B 397 6.13 -3.59 -22.01
CA GLU B 397 6.15 -2.39 -22.86
C GLU B 397 6.50 -1.14 -22.04
N LEU B 398 5.92 -1.04 -20.84
CA LEU B 398 6.21 0.10 -19.97
C LEU B 398 7.69 0.14 -19.64
N ILE B 399 8.24 -0.99 -19.22
CA ILE B 399 9.65 -1.06 -18.87
C ILE B 399 10.55 -0.74 -20.07
N LEU B 400 10.23 -1.30 -21.23
CA LEU B 400 11.02 -1.01 -22.43
C LEU B 400 10.99 0.48 -22.77
N GLN B 401 9.81 1.10 -22.73
CA GLN B 401 9.72 2.53 -23.01
C GLN B 401 10.47 3.38 -21.97
N ASN B 402 10.34 3.02 -20.69
CA ASN B 402 11.05 3.78 -19.65
C ASN B 402 12.57 3.60 -19.81
N LEU B 403 13.01 2.38 -20.12
CA LEU B 403 14.43 2.12 -20.29
C LEU B 403 14.99 2.96 -21.43
N ALA B 404 14.23 3.06 -22.51
CA ALA B 404 14.66 3.86 -23.65
C ALA B 404 14.82 5.33 -23.28
N ARG B 405 13.88 5.87 -22.50
CA ARG B 405 13.97 7.27 -22.11
C ARG B 405 15.16 7.51 -21.19
N LEU B 406 15.37 6.60 -20.25
CA LEU B 406 16.45 6.73 -19.27
C LEU B 406 17.81 6.59 -19.95
N HIS B 407 17.87 5.82 -21.03
CA HIS B 407 19.15 5.59 -21.69
C HIS B 407 19.20 6.26 -23.06
N ALA B 408 18.43 7.34 -23.21
CA ALA B 408 18.27 7.99 -24.51
C ALA B 408 19.55 8.64 -25.03
N GLU B 409 20.52 8.83 -24.15
CA GLU B 409 21.78 9.42 -24.59
C GLU B 409 22.54 8.48 -25.53
N HIS B 410 22.28 7.18 -25.42
CA HIS B 410 23.00 6.20 -26.23
C HIS B 410 22.11 5.17 -26.92
N MET B 411 20.87 5.00 -26.44
CA MET B 411 20.01 3.96 -26.99
C MET B 411 18.73 4.50 -27.60
N THR B 412 18.08 3.67 -28.40
CA THR B 412 16.72 3.94 -28.84
C THR B 412 15.81 2.84 -28.31
N TYR B 413 14.51 3.11 -28.29
CA TYR B 413 13.54 2.08 -27.93
C TYR B 413 13.64 0.87 -28.86
N GLU B 414 13.78 1.12 -30.15
CA GLU B 414 13.88 0.05 -31.14
CA GLU B 414 13.84 0.02 -31.10
C GLU B 414 15.05 -0.88 -30.82
N LYS B 415 16.20 -0.31 -30.48
CA LYS B 415 17.37 -1.14 -30.23
C LYS B 415 17.24 -1.95 -28.94
N ILE B 416 16.68 -1.32 -27.91
CA ILE B 416 16.48 -2.02 -26.64
C ILE B 416 15.45 -3.15 -26.79
N LYS B 417 14.35 -2.87 -27.49
CA LYS B 417 13.34 -3.89 -27.76
C LYS B 417 13.90 -5.05 -28.58
N GLU B 418 14.74 -4.72 -29.56
CA GLU B 418 15.40 -5.74 -30.38
C GLU B 418 16.32 -6.62 -29.54
N ALA B 419 17.00 -6.01 -28.57
CA ALA B 419 17.93 -6.77 -27.71
C ALA B 419 17.18 -7.64 -26.69
N TYR B 420 15.97 -7.23 -26.34
CA TYR B 420 15.18 -7.96 -25.36
C TYR B 420 14.84 -9.36 -25.90
N THR B 421 15.06 -10.39 -25.09
CA THR B 421 14.87 -11.77 -25.54
C THR B 421 13.45 -12.27 -25.47
N GLY B 422 12.58 -11.55 -24.78
CA GLY B 422 11.20 -11.98 -24.60
C GLY B 422 11.01 -12.72 -23.29
N VAL B 423 12.09 -12.83 -22.51
CA VAL B 423 12.06 -13.48 -21.21
C VAL B 423 12.23 -12.45 -20.10
N TYR B 424 11.28 -12.44 -19.16
CA TYR B 424 11.38 -11.54 -18.02
C TYR B 424 10.68 -12.15 -16.83
N HIS B 425 10.93 -11.59 -15.64
CA HIS B 425 10.20 -12.02 -14.45
C HIS B 425 10.02 -10.83 -13.54
N ALA B 426 8.90 -10.80 -12.84
CA ALA B 426 8.62 -9.71 -11.91
C ALA B 426 8.00 -10.26 -10.64
N TYR B 427 8.10 -9.50 -9.56
CA TYR B 427 7.59 -9.93 -8.28
C TYR B 427 7.21 -8.75 -7.42
N CYS B 428 5.98 -8.76 -6.91
CA CYS B 428 5.49 -7.74 -6.01
C CYS B 428 5.26 -8.36 -4.63
N TRP B 429 6.05 -7.93 -3.65
CA TRP B 429 6.03 -8.62 -2.36
C TRP B 429 4.71 -8.46 -1.57
N ALA B 430 3.97 -7.35 -1.76
CA ALA B 430 2.68 -7.21 -1.08
C ALA B 430 1.66 -8.21 -1.60
N ASN B 431 1.92 -8.80 -2.76
CA ASN B 431 1.02 -9.78 -3.34
C ASN B 431 1.35 -11.23 -2.94
N ASP B 432 2.41 -11.39 -2.15
CA ASP B 432 2.79 -12.72 -1.69
C ASP B 432 2.00 -13.07 -0.44
N PRO B 433 1.16 -14.12 -0.52
CA PRO B 433 0.33 -14.52 0.65
C PRO B 433 1.16 -14.85 1.88
N ASN B 434 2.40 -15.26 1.67
CA ASN B 434 3.25 -15.66 2.79
C ASN B 434 4.03 -14.52 3.43
N VAL B 435 3.82 -13.27 2.98
CA VAL B 435 4.49 -12.13 3.60
C VAL B 435 3.55 -10.93 3.74
N GLY B 436 2.87 -10.58 2.64
CA GLY B 436 1.87 -9.52 2.65
C GLY B 436 2.46 -8.12 2.67
N GLY B 437 3.72 -8.01 2.26
CA GLY B 437 4.42 -6.74 2.19
C GLY B 437 5.88 -7.06 1.94
N ALA B 438 6.71 -6.04 1.77
CA ALA B 438 8.13 -6.31 1.59
C ALA B 438 8.85 -6.40 2.92
N PHE B 439 8.63 -5.40 3.78
CA PHE B 439 9.28 -5.36 5.08
C PHE B 439 8.67 -4.26 5.94
N ALA B 440 8.96 -4.34 7.24
CA ALA B 440 8.54 -3.30 8.17
C ALA B 440 9.15 -1.96 7.78
N LEU B 441 8.34 -0.91 7.84
CA LEU B 441 8.83 0.44 7.69
C LEU B 441 7.85 1.26 8.50
N PHE B 442 8.24 1.52 9.74
CA PHE B 442 7.30 1.98 10.76
C PHE B 442 6.83 3.43 10.55
N GLY B 443 5.59 3.69 10.99
CA GLY B 443 5.04 5.02 10.99
C GLY B 443 5.51 5.79 12.21
N PRO B 444 5.16 7.08 12.27
CA PRO B 444 5.60 7.91 13.40
C PRO B 444 5.11 7.35 14.71
N GLY B 445 5.98 7.34 15.72
CA GLY B 445 5.62 6.88 17.05
C GLY B 445 5.61 5.37 17.25
N GLN B 446 5.70 4.60 16.16
CA GLN B 446 5.54 3.15 16.30
C GLN B 446 6.75 2.48 16.98
N PHE B 447 7.95 2.88 16.59
CA PHE B 447 9.14 2.30 17.23
C PHE B 447 9.15 2.59 18.74
N SER B 448 8.76 3.80 19.11
CA SER B 448 8.87 4.19 20.51
C SER B 448 7.67 3.75 21.36
N ASN B 449 6.54 3.47 20.73
CA ASN B 449 5.33 3.10 21.50
C ASN B 449 4.85 1.67 21.31
N LEU B 450 4.74 1.21 20.06
CA LEU B 450 4.19 -0.12 19.80
C LEU B 450 5.23 -1.21 19.84
N TYR B 451 6.42 -0.92 19.32
CA TYR B 451 7.48 -1.91 19.23
C TYR B 451 7.86 -2.53 20.59
N PRO B 452 7.94 -1.72 21.67
CA PRO B 452 8.24 -2.41 22.94
C PRO B 452 7.19 -3.44 23.37
N TYR B 453 5.94 -3.26 22.99
CA TYR B 453 4.91 -4.25 23.29
C TYR B 453 4.99 -5.45 22.35
N LEU B 454 5.44 -5.22 21.12
CA LEU B 454 5.67 -6.32 20.20
C LEU B 454 6.67 -7.29 20.82
N MET B 455 7.68 -6.73 21.46
CA MET B 455 8.80 -7.50 22.00
C MET B 455 8.59 -7.96 23.45
N ARG B 456 7.42 -7.68 23.99
CA ARG B 456 7.05 -8.06 25.37
C ARG B 456 7.00 -9.57 25.59
N PRO B 457 7.54 -10.05 26.75
CA PRO B 457 7.41 -11.49 27.03
C PRO B 457 5.96 -11.92 26.98
N ALA B 458 5.70 -13.11 26.41
CA ALA B 458 4.35 -13.60 26.26
C ALA B 458 4.26 -15.08 26.59
N ALA B 459 3.05 -15.52 26.98
CA ALA B 459 2.82 -16.92 27.37
C ALA B 459 3.81 -17.36 28.45
N GLY B 460 4.05 -16.48 29.41
CA GLY B 460 4.93 -16.76 30.53
C GLY B 460 6.39 -16.91 30.11
N GLY B 461 6.74 -16.28 29.00
CA GLY B 461 8.12 -16.33 28.52
C GLY B 461 8.40 -17.46 27.54
N LYS B 462 7.34 -18.05 26.99
CA LYS B 462 7.49 -19.20 26.09
C LYS B 462 7.11 -18.93 24.63
N PHE B 463 6.63 -17.72 24.33
CA PHE B 463 6.31 -17.34 22.95
C PHE B 463 7.12 -16.13 22.51
N HIS B 464 7.70 -16.23 21.32
CA HIS B 464 8.56 -15.17 20.79
C HIS B 464 8.13 -14.74 19.41
N ILE B 465 7.98 -13.43 19.22
CA ILE B 465 7.69 -12.88 17.90
C ILE B 465 9.03 -12.44 17.29
N VAL B 466 9.46 -13.16 16.26
CA VAL B 466 10.83 -13.09 15.75
C VAL B 466 10.84 -12.68 14.29
N GLY B 467 11.87 -11.95 13.87
CA GLY B 467 12.00 -11.62 12.46
C GLY B 467 12.50 -10.20 12.27
N GLU B 468 12.66 -9.78 11.02
CA GLU B 468 13.18 -8.44 10.74
C GLU B 468 12.34 -7.32 11.37
N ALA B 469 11.03 -7.51 11.44
CA ALA B 469 10.18 -6.47 12.03
C ALA B 469 10.42 -6.39 13.53
N SER B 470 10.77 -7.54 14.11
CA SER B 470 11.08 -7.64 15.53
C SER B 470 12.54 -7.30 15.78
N SER B 471 12.97 -6.16 15.25
CA SER B 471 14.36 -5.74 15.36
C SER B 471 14.44 -4.25 15.07
N VAL B 472 15.62 -3.67 15.29
CA VAL B 472 15.82 -2.26 14.96
C VAL B 472 16.51 -2.11 13.61
N HIS B 473 16.65 -3.22 12.89
CA HIS B 473 17.22 -3.21 11.54
C HIS B 473 16.25 -3.76 10.52
N HIS B 474 15.16 -3.03 10.32
CA HIS B 474 14.17 -3.43 9.34
C HIS B 474 14.75 -3.55 7.96
N ALA B 475 14.23 -4.52 7.21
CA ALA B 475 14.54 -4.69 5.79
C ALA B 475 15.98 -5.14 5.53
N TRP B 476 16.61 -5.75 6.54
CA TRP B 476 17.95 -6.32 6.36
C TRP B 476 18.03 -7.70 6.99
N ILE B 477 18.89 -8.56 6.45
CA ILE B 477 19.13 -9.85 7.05
C ILE B 477 19.57 -9.67 8.51
N ILE B 478 20.34 -8.62 8.78
CA ILE B 478 20.88 -8.43 10.14
C ILE B 478 19.75 -8.35 11.18
N GLY B 479 18.65 -7.69 10.84
CA GLY B 479 17.51 -7.61 11.76
C GLY B 479 16.95 -8.98 12.09
N SER B 480 16.81 -9.83 11.06
CA SER B 480 16.30 -11.18 11.25
C SER B 480 17.22 -12.00 12.15
N LEU B 481 18.53 -11.87 11.95
CA LEU B 481 19.50 -12.67 12.70
C LEU B 481 19.58 -12.20 14.15
N GLU B 482 19.58 -10.89 14.37
CA GLU B 482 19.62 -10.37 15.74
CA GLU B 482 19.62 -10.37 15.74
C GLU B 482 18.38 -10.79 16.51
N SER B 483 17.23 -10.72 15.84
CA SER B 483 15.96 -11.09 16.46
C SER B 483 15.99 -12.56 16.89
N ALA B 484 16.48 -13.41 16.00
CA ALA B 484 16.57 -14.85 16.25
C ALA B 484 17.50 -15.14 17.43
N TYR B 485 18.66 -14.50 17.43
CA TYR B 485 19.65 -14.71 18.47
C TYR B 485 19.06 -14.33 19.83
N THR B 486 18.42 -13.18 19.90
CA THR B 486 17.87 -12.69 21.14
C THR B 486 16.79 -13.63 21.68
N ALA B 487 15.96 -14.16 20.80
CA ALA B 487 14.91 -15.09 21.21
C ALA B 487 15.50 -16.40 21.74
N VAL B 488 16.59 -16.86 21.15
CA VAL B 488 17.21 -18.10 21.63
C VAL B 488 17.78 -17.84 23.01
N TYR B 489 18.44 -16.69 23.19
CA TYR B 489 18.87 -16.28 24.53
C TYR B 489 17.72 -16.38 25.53
N GLN B 490 16.57 -15.81 25.21
CA GLN B 490 15.47 -15.77 26.17
C GLN B 490 14.95 -17.17 26.48
N PHE B 491 14.97 -18.03 25.48
CA PHE B 491 14.58 -19.43 25.65
C PHE B 491 15.50 -20.17 26.63
N LEU B 492 16.81 -20.04 26.43
CA LEU B 492 17.76 -20.73 27.32
C LEU B 492 17.64 -20.19 28.75
N TYR B 493 17.48 -18.88 28.86
CA TYR B 493 17.30 -18.23 30.16
C TYR B 493 16.06 -18.74 30.87
N LYS B 494 14.94 -18.77 30.16
CA LYS B 494 13.67 -19.20 30.72
C LYS B 494 13.78 -20.60 31.33
N TYR B 495 14.49 -21.50 30.67
CA TYR B 495 14.57 -22.86 31.20
C TYR B 495 15.85 -23.07 32.01
N LYS B 496 16.54 -21.97 32.29
CA LYS B 496 17.69 -21.99 33.19
C LYS B 496 18.78 -22.96 32.72
N MET B 497 19.01 -22.97 31.42
CA MET B 497 20.04 -23.83 30.83
C MET B 497 21.36 -23.10 30.83
N TRP B 498 21.89 -22.83 32.03
CA TRP B 498 23.01 -21.92 32.16
C TRP B 498 24.25 -22.37 31.39
N ASP B 499 24.56 -23.68 31.39
CA ASP B 499 25.68 -24.20 30.63
C ASP B 499 25.56 -23.78 29.16
N TYR B 500 24.35 -23.92 28.63
CA TYR B 500 24.15 -23.68 27.21
C TYR B 500 23.96 -22.20 26.89
N LEU B 501 23.45 -21.45 27.86
CA LEU B 501 23.42 -20.00 27.73
C LEU B 501 24.84 -19.45 27.71
N ARG B 502 25.72 -19.96 28.58
CA ARG B 502 27.09 -19.49 28.57
C ARG B 502 27.76 -19.83 27.23
N LEU B 503 27.41 -20.99 26.68
CA LEU B 503 27.94 -21.43 25.41
C LEU B 503 27.42 -20.56 24.25
N LEU B 504 26.16 -20.16 24.34
CA LEU B 504 25.58 -19.27 23.35
C LEU B 504 26.35 -17.96 23.30
N LEU B 505 26.63 -17.40 24.48
CA LEU B 505 27.38 -16.16 24.56
C LEU B 505 28.80 -16.34 24.04
N GLU B 506 29.39 -17.50 24.32
CA GLU B 506 30.77 -17.75 23.95
C GLU B 506 30.92 -17.85 22.41
N ARG B 507 29.96 -18.50 21.78
CA ARG B 507 30.08 -18.84 20.37
C ARG B 507 29.29 -17.92 19.43
N TRP B 508 28.21 -17.32 19.93
CA TRP B 508 27.26 -16.63 19.05
C TRP B 508 27.04 -15.16 19.29
N GLN B 509 27.62 -14.61 20.36
CA GLN B 509 27.42 -13.19 20.63
C GLN B 509 28.14 -12.37 19.58
N TYR B 510 29.40 -12.72 19.33
CA TYR B 510 30.21 -12.06 18.32
C TYR B 510 30.59 -13.06 17.23
PA FAD C . -12.74 5.25 -12.88
O1A FAD C . -13.96 4.54 -12.36
O2A FAD C . -11.39 4.71 -12.47
O5B FAD C . -12.81 5.30 -14.49
C5B FAD C . -11.63 5.50 -15.25
C4B FAD C . -11.62 4.57 -16.45
O4B FAD C . -10.40 4.75 -17.15
C3B FAD C . -11.65 3.11 -16.01
O3B FAD C . -12.74 2.43 -16.65
C2B FAD C . -10.30 2.57 -16.47
O2B FAD C . -10.40 1.19 -16.85
C1B FAD C . -9.99 3.47 -17.63
N9A FAD C . -8.55 3.54 -17.97
C8A FAD C . -7.49 3.41 -17.14
N7A FAD C . -6.33 3.56 -17.83
C5A FAD C . -6.64 3.81 -19.13
C6A FAD C . -5.91 4.06 -20.38
N6A FAD C . -4.56 4.10 -20.39
N1A FAD C . -6.63 4.27 -21.50
C2A FAD C . -7.98 4.25 -21.49
N3A FAD C . -8.71 4.02 -20.38
C4A FAD C . -8.11 3.79 -19.20
N1 FAD C . -18.70 6.18 -4.42
C2 FAD C . -19.95 6.36 -3.95
O2 FAD C . -20.61 7.33 -4.38
N3 FAD C . -20.50 5.52 -3.03
C4 FAD C . -19.84 4.47 -2.53
O4 FAD C . -20.35 3.68 -1.69
C4X FAD C . -18.46 4.21 -3.00
N5 FAD C . -17.72 3.19 -2.51
C5X FAD C . -16.57 2.84 -3.12
C6 FAD C . -15.94 1.64 -2.79
C7 FAD C . -14.77 1.28 -3.46
C7M FAD C . -14.09 -0.02 -3.10
C8 FAD C . -14.23 2.14 -4.51
C8M FAD C . -12.96 1.76 -5.25
C9 FAD C . -14.85 3.33 -4.83
C9A FAD C . -16.00 3.72 -4.17
N10 FAD C . -16.65 4.94 -4.49
C10 FAD C . -17.92 5.16 -3.99
C1' FAD C . -16.09 5.84 -5.50
C2' FAD C . -16.61 5.69 -6.91
O2' FAD C . -16.68 4.29 -7.20
C3' FAD C . -15.55 6.36 -7.77
O3' FAD C . -15.18 7.66 -7.27
C4' FAD C . -15.97 6.54 -9.23
O4' FAD C . -16.56 5.32 -9.71
C5' FAD C . -14.70 6.90 -10.01
O5' FAD C . -15.04 7.16 -11.37
P FAD C . -13.96 7.82 -12.36
O1P FAD C . -14.61 7.92 -13.73
O2P FAD C . -13.43 9.07 -11.68
O3P FAD C . -12.72 6.80 -12.43
N TYR D . -16.97 6.25 -0.24
CA TYR D . -16.50 4.88 -0.05
C TYR D . -17.49 4.05 0.78
O TYR D . -17.10 3.21 1.58
CB TYR D . -15.11 4.81 0.62
CG TYR D . -14.43 6.10 1.11
CD1 TYR D . -13.05 6.21 1.07
CD2 TYR D . -15.14 7.17 1.65
CE1 TYR D . -12.40 7.33 1.52
CE2 TYR D . -14.49 8.30 2.10
CZ TYR D . -13.12 8.37 2.03
OH TYR D . -12.45 9.49 2.47
OXT TYR D . -18.72 4.21 0.66
S SO4 E . -9.02 -5.98 -18.58
O1 SO4 E . -9.74 -6.18 -19.85
O2 SO4 E . -7.87 -5.08 -18.81
O3 SO4 E . -8.57 -7.26 -18.06
O4 SO4 E . -9.89 -5.36 -17.58
C1 GOL F . -14.38 -0.38 5.41
O1 GOL F . -15.21 0.77 5.45
C2 GOL F . -13.22 -0.19 6.37
O2 GOL F . -13.00 -1.38 7.11
C3 GOL F . -13.57 1.00 7.26
O3 GOL F . -12.48 1.39 8.08
C1 GOL G . -34.63 8.39 -3.11
O1 GOL G . -35.89 7.82 -3.39
C2 GOL G . -34.56 9.81 -3.66
O2 GOL G . -35.84 10.40 -3.58
C3 GOL G . -33.56 10.63 -2.85
O3 GOL G . -33.38 11.88 -3.46
PA FAD H . 10.71 -14.22 6.09
O1A FAD H . 9.39 -13.60 5.73
O2A FAD H . 11.76 -14.29 5.02
O5B FAD H . 10.50 -15.72 6.62
C5B FAD H . 9.30 -16.06 7.29
C4B FAD H . 8.78 -17.39 6.75
O4B FAD H . 7.53 -17.69 7.38
C3B FAD H . 8.50 -17.32 5.26
O3B FAD H . 9.24 -18.37 4.60
C2B FAD H . 7.00 -17.53 5.14
O2B FAD H . 6.63 -18.26 3.95
C1B FAD H . 6.71 -18.32 6.40
N9A FAD H . 5.31 -18.24 6.86
C8A FAD H . 4.45 -17.21 6.71
N7A FAD H . 3.26 -17.51 7.29
C5A FAD H . 3.36 -18.75 7.81
C6A FAD H . 2.48 -19.66 8.55
N6A FAD H . 1.22 -19.29 8.85
N1A FAD H . 3.00 -20.88 8.91
C2A FAD H . 4.26 -21.25 8.62
N3A FAD H . 5.11 -20.44 7.94
C4A FAD H . 4.72 -19.23 7.53
N1 FAD H . 18.32 -7.67 3.33
C2 FAD H . 19.63 -7.48 3.11
O2 FAD H . 20.43 -7.82 4.01
N3 FAD H . 20.12 -6.97 1.96
C4 FAD H . 19.31 -6.60 0.95
O4 FAD H . 19.73 -6.12 -0.13
C4X FAD H . 17.86 -6.74 1.12
N5 FAD H . 16.99 -6.34 0.17
C5X FAD H . 15.69 -6.69 0.24
C6 FAD H . 14.86 -6.48 -0.85
C7 FAD H . 13.54 -6.89 -0.78
C7M FAD H . 12.62 -6.67 -1.96
C8 FAD H . 13.01 -7.54 0.44
C8M FAD H . 11.56 -7.99 0.51
C9 FAD H . 13.84 -7.74 1.54
C9A FAD H . 15.16 -7.33 1.48
N10 FAD H . 16.03 -7.51 2.58
C10 FAD H . 17.40 -7.32 2.39
C1' FAD H . 15.58 -8.09 3.84
C2' FAD H . 15.72 -9.57 4.01
O2' FAD H . 15.30 -10.21 2.80
C3' FAD H . 14.70 -9.92 5.10
O3' FAD H . 14.82 -9.03 6.22
C4' FAD H . 14.83 -11.36 5.60
O4' FAD H . 15.01 -12.23 4.47
C5' FAD H . 13.55 -11.68 6.36
O5' FAD H . 13.72 -12.93 7.02
P FAD H . 12.67 -13.44 8.12
O1P FAD H . 12.61 -12.38 9.20
O2P FAD H . 13.05 -14.85 8.48
O3P FAD H . 11.22 -13.42 7.40
N TYR I . 17.53 -3.33 2.54
CA TYR I . 16.80 -3.32 1.28
C TYR I . 17.71 -3.00 0.08
O TYR I . 18.88 -3.37 0.04
CB TYR I . 15.63 -2.33 1.29
CG TYR I . 15.44 -1.42 2.51
CD1 TYR I . 16.51 -0.83 3.17
CD2 TYR I . 14.16 -1.11 2.94
CE1 TYR I . 16.30 0.00 4.26
CE2 TYR I . 13.94 -0.27 4.01
CZ TYR I . 15.01 0.28 4.67
OH TYR I . 14.78 1.10 5.74
OXT TYR I . 17.25 -2.37 -0.87
S SO4 J . 3.11 -21.20 -2.00
O1 SO4 J . 4.29 -20.33 -1.95
O2 SO4 J . 2.48 -21.04 -3.31
O3 SO4 J . 2.18 -20.80 -0.94
O4 SO4 J . 3.50 -22.59 -1.84
C1 GOL K . 13.36 2.80 -3.70
O1 GOL K . 13.86 4.01 -3.12
C2 GOL K . 14.08 2.53 -5.03
O2 GOL K . 13.20 2.68 -6.14
C3 GOL K . 14.69 1.13 -4.96
O3 GOL K . 15.87 1.14 -4.19
C1 GOL L . 33.72 -8.91 4.23
O1 GOL L . 34.06 -9.14 5.58
C2 GOL L . 34.10 -10.12 3.39
O2 GOL L . 34.85 -11.03 4.18
C3 GOL L . 34.94 -9.68 2.21
O3 GOL L . 35.26 -10.82 1.43
#